data_7YOR
#
_entry.id   7YOR
#
_cell.length_a   83.600
_cell.length_b   175.170
_cell.length_c   66.180
_cell.angle_alpha   90.00
_cell.angle_beta   90.00
_cell.angle_gamma   90.00
#
_symmetry.space_group_name_H-M   'P 21 21 2'
#
loop_
_entity.id
_entity.type
_entity.pdbx_description
1 polymer 'archaeal nuclease RecJ2'
2 non-polymer '[5-(4-azanyl-2-oxidanylidene-pyrimidin-1-yl)-3-oxidanyl-furan-2-yl]methyl dihydrogen phosphate'
3 non-polymer 1,2-ETHANEDIOL
4 water water
#
_entity_poly.entity_id   1
_entity_poly.type   'polypeptide(L)'
_entity_poly.pdbx_seq_one_letter_code
;AHMMEKLKEIEKVTKAIKEKILNHYGYIRVITHHDTDGLSSGGILAKMLMRTNKLFHLTVVEHLSKEVIEKLAKENEVNK
PLFIFAAMGSGQIEEIIKHNFNAIILDHHPPVIKDSFINENIIQLNPHIFGVDGSREITASGVCYLVAREFGYYDLSVLA
IVGIIGDMQYNPLLGLNKFIVNEAREYRYVKIMNDIVYNIYDVEIYKAIAYCTKPYIPDLASEGKAFKFLKDIGIDPNKK
QLDDTDKKKLLSAIIFKYPKIENLLIDRYLIEHKVRDAFLLSEMLNAVGRNGLFAVGIGICLEDDECIKIGNQILWEYKK
NLINELKSVKLKKLNNIYYFEGKKGMIGIIASILVDDKPVIGYHIEGDIAKFSARGNRDLVNRGLNLSVAMAVAKEFGGN
GGGHDVASGAVVSKDKVQEFLKRVDEIIGEQLRR
;
_entity_poly.pdbx_strand_id   A,B
#
# COMPACT_ATOMS: atom_id res chain seq x y z
N MET A 4 11.92 28.88 10.30
CA MET A 4 11.98 29.59 9.02
C MET A 4 13.43 29.71 8.59
N GLU A 5 14.23 30.39 9.41
CA GLU A 5 15.68 30.36 9.22
C GLU A 5 16.21 28.95 9.46
N LYS A 6 15.59 28.21 10.37
CA LYS A 6 16.08 26.87 10.69
C LYS A 6 15.70 25.88 9.61
N LEU A 7 14.63 26.15 8.85
CA LEU A 7 14.27 25.30 7.72
C LEU A 7 15.37 25.29 6.67
N LYS A 8 16.00 26.44 6.43
CA LYS A 8 17.10 26.51 5.46
C LYS A 8 18.28 25.67 5.92
N GLU A 9 18.50 25.57 7.23
CA GLU A 9 19.56 24.70 7.75
C GLU A 9 19.14 23.24 7.70
N ILE A 10 17.86 22.95 7.96
CA ILE A 10 17.35 21.59 7.88
C ILE A 10 17.29 21.14 6.43
N GLU A 11 16.97 22.07 5.53
CA GLU A 11 16.82 21.71 4.13
C GLU A 11 18.10 21.16 3.54
N LYS A 12 19.26 21.47 4.11
CA LYS A 12 20.48 20.85 3.62
C LYS A 12 20.46 19.33 3.83
N VAL A 13 19.98 18.89 4.98
CA VAL A 13 19.96 17.46 5.25
C VAL A 13 18.80 16.76 4.54
N THR A 14 17.67 17.46 4.36
CA THR A 14 16.54 16.83 3.69
C THR A 14 16.84 16.60 2.20
N LYS A 15 17.53 17.56 1.56
CA LYS A 15 17.94 17.38 0.17
C LYS A 15 18.82 16.15 0.01
N ALA A 16 19.80 15.99 0.91
CA ALA A 16 20.70 14.84 0.85
C ALA A 16 19.95 13.54 1.09
N ILE A 17 18.97 13.55 2.01
CA ILE A 17 18.15 12.36 2.21
C ILE A 17 17.40 12.02 0.94
N LYS A 18 16.87 13.05 0.27
CA LYS A 18 16.17 12.82 -0.98
C LYS A 18 17.06 12.15 -2.01
N GLU A 19 18.24 12.74 -2.26
CA GLU A 19 19.15 12.20 -3.28
C GLU A 19 19.59 10.79 -2.90
N LYS A 20 19.74 10.53 -1.60
CA LYS A 20 20.15 9.20 -1.16
C LYS A 20 19.08 8.15 -1.46
N ILE A 21 17.83 8.47 -1.17
CA ILE A 21 16.75 7.52 -1.47
C ILE A 21 16.59 7.36 -2.97
N LEU A 22 16.60 8.48 -3.72
CA LEU A 22 16.39 8.38 -5.17
C LEU A 22 17.42 7.44 -5.80
N ASN A 23 18.69 7.62 -5.45
CA ASN A 23 19.78 6.86 -6.07
C ASN A 23 19.94 5.47 -5.49
N HIS A 24 19.03 4.99 -4.65
CA HIS A 24 19.12 3.63 -4.14
C HIS A 24 18.18 2.70 -4.89
N TYR A 25 18.69 1.54 -5.34
CA TYR A 25 17.90 0.64 -6.19
C TYR A 25 17.78 -0.78 -5.64
N GLY A 26 18.44 -1.09 -4.53
CA GLY A 26 18.29 -2.37 -3.85
C GLY A 26 17.14 -2.35 -2.86
N TYR A 27 17.21 -3.22 -1.86
CA TYR A 27 16.13 -3.30 -0.89
C TYR A 27 16.10 -2.08 0.00
N ILE A 28 14.91 -1.78 0.54
CA ILE A 28 14.71 -0.68 1.49
C ILE A 28 13.95 -1.19 2.70
N ARG A 29 14.53 -1.04 3.89
CA ARG A 29 13.88 -1.42 5.14
C ARG A 29 13.48 -0.19 5.95
N VAL A 30 12.21 -0.12 6.35
CA VAL A 30 11.70 0.97 7.18
C VAL A 30 11.31 0.39 8.53
N ILE A 31 11.87 0.96 9.59
CA ILE A 31 11.66 0.51 10.97
C ILE A 31 11.01 1.67 11.72
N THR A 32 9.75 1.50 12.16
CA THR A 32 9.09 2.48 13.01
C THR A 32 8.59 1.85 14.31
N HIS A 33 8.19 2.75 15.20
CA HIS A 33 7.61 2.45 16.48
C HIS A 33 6.10 2.25 16.31
N HIS A 34 5.47 1.68 17.36
CA HIS A 34 4.07 1.30 17.33
C HIS A 34 3.15 2.35 17.94
N ASP A 35 3.66 3.47 18.40
CA ASP A 35 2.75 4.50 18.91
C ASP A 35 2.17 5.31 17.74
N THR A 36 1.19 6.17 18.06
CA THR A 36 0.57 7.02 17.05
C THR A 36 1.60 7.70 16.15
N ASP A 37 2.67 8.25 16.74
CA ASP A 37 3.67 8.98 15.97
C ASP A 37 4.42 8.08 15.01
N GLY A 38 4.88 6.93 15.49
CA GLY A 38 5.57 5.99 14.61
C GLY A 38 4.71 5.42 13.50
N LEU A 39 3.43 5.16 13.78
CA LEU A 39 2.53 4.66 12.74
C LEU A 39 2.24 5.73 11.69
N SER A 40 2.06 6.99 12.11
CA SER A 40 1.97 8.09 11.17
C SER A 40 3.23 8.21 10.34
N SER A 41 4.40 8.05 10.98
CA SER A 41 5.65 8.03 10.23
C SER A 41 5.64 6.90 9.21
N GLY A 42 5.13 5.72 9.61
CA GLY A 42 5.01 4.62 8.67
C GLY A 42 4.18 4.98 7.47
N GLY A 43 3.11 5.73 7.69
CA GLY A 43 2.23 6.12 6.61
C GLY A 43 2.84 7.15 5.71
N ILE A 44 3.58 8.10 6.28
CA ILE A 44 4.21 9.12 5.44
C ILE A 44 5.28 8.47 4.56
N LEU A 45 6.06 7.55 5.14
CA LEU A 45 7.15 6.94 4.39
C LEU A 45 6.62 5.92 3.39
N ALA A 46 5.51 5.26 3.72
CA ALA A 46 4.92 4.31 2.77
C ALA A 46 4.45 5.03 1.51
N LYS A 47 3.78 6.17 1.67
CA LYS A 47 3.27 6.82 0.47
C LYS A 47 4.37 7.51 -0.28
N MET A 48 5.32 8.12 0.44
CA MET A 48 6.43 8.78 -0.24
C MET A 48 7.27 7.79 -1.05
N LEU A 49 7.48 6.59 -0.50
CA LEU A 49 8.34 5.63 -1.16
C LEU A 49 7.66 5.07 -2.40
N MET A 50 6.34 4.85 -2.32
CA MET A 50 5.59 4.39 -3.49
C MET A 50 5.62 5.43 -4.60
N ARG A 51 5.43 6.70 -4.23
CA ARG A 51 5.35 7.76 -5.22
C ARG A 51 6.67 7.95 -5.97
N THR A 52 7.79 7.53 -5.35
CA THR A 52 9.09 7.65 -5.98
C THR A 52 9.58 6.34 -6.55
N ASN A 53 8.70 5.34 -6.61
CA ASN A 53 8.93 4.07 -7.30
C ASN A 53 9.89 3.16 -6.53
N LYS A 54 9.70 3.08 -5.21
CA LYS A 54 10.53 2.25 -4.35
C LYS A 54 9.65 1.22 -3.65
N LEU A 55 9.89 -0.06 -3.92
CA LEU A 55 9.35 -1.11 -3.09
C LEU A 55 10.04 -1.11 -1.73
N PHE A 56 9.34 -1.55 -0.71
CA PHE A 56 9.98 -1.49 0.59
C PHE A 56 9.39 -2.54 1.52
N HIS A 57 10.18 -2.88 2.52
CA HIS A 57 9.77 -3.80 3.56
C HIS A 57 9.69 -3.01 4.87
N LEU A 58 8.47 -2.82 5.37
CA LEU A 58 8.22 -2.07 6.58
C LEU A 58 8.09 -3.02 7.76
N THR A 59 8.79 -2.72 8.86
CA THR A 59 8.67 -3.47 10.09
C THR A 59 8.41 -2.50 11.24
N VAL A 60 7.57 -2.93 12.17
CA VAL A 60 7.14 -2.12 13.30
C VAL A 60 7.61 -2.81 14.55
N VAL A 61 8.40 -2.11 15.35
CA VAL A 61 8.95 -2.72 16.56
C VAL A 61 8.54 -1.88 17.75
N GLU A 62 8.54 -2.53 18.93
CA GLU A 62 8.19 -1.85 20.17
C GLU A 62 9.41 -1.24 20.87
N HIS A 63 10.55 -1.95 20.90
CA HIS A 63 11.81 -1.38 21.38
C HIS A 63 12.90 -1.67 20.36
N LEU A 64 13.74 -0.69 20.10
CA LEU A 64 14.93 -0.91 19.26
C LEU A 64 16.08 -1.34 20.17
N SER A 65 16.03 -2.58 20.62
CA SER A 65 17.00 -3.13 21.56
C SER A 65 18.26 -3.59 20.83
N LYS A 66 19.34 -3.75 21.59
CA LYS A 66 20.57 -4.38 21.12
C LYS A 66 20.26 -5.63 20.31
N GLU A 67 19.29 -6.40 20.79
CA GLU A 67 18.97 -7.68 20.16
C GLU A 67 18.29 -7.47 18.82
N VAL A 68 17.31 -6.56 18.76
CA VAL A 68 16.62 -6.28 17.51
C VAL A 68 17.61 -5.76 16.48
N ILE A 69 18.52 -4.88 16.90
CA ILE A 69 19.55 -4.35 16.00
C ILE A 69 20.40 -5.48 15.45
N GLU A 70 20.76 -6.44 16.31
CA GLU A 70 21.60 -7.54 15.84
C GLU A 70 20.86 -8.44 14.85
N LYS A 71 19.55 -8.67 15.05
CA LYS A 71 18.80 -9.44 14.07
C LYS A 71 18.70 -8.70 12.73
N LEU A 72 18.52 -7.38 12.78
CA LEU A 72 18.45 -6.61 11.54
C LEU A 72 19.78 -6.64 10.80
N ALA A 73 20.90 -6.63 11.53
CA ALA A 73 22.20 -6.56 10.87
C ALA A 73 22.55 -7.85 10.12
N LYS A 74 21.95 -8.98 10.47
CA LYS A 74 22.18 -10.18 9.69
C LYS A 74 21.54 -10.11 8.30
N GLU A 75 20.74 -9.08 8.01
CA GLU A 75 20.22 -8.84 6.67
C GLU A 75 21.18 -8.06 5.80
N ASN A 76 22.26 -7.50 6.37
CA ASN A 76 23.26 -6.86 5.54
C ASN A 76 24.22 -7.84 4.90
N GLU A 77 24.27 -9.08 5.40
CA GLU A 77 25.22 -10.05 4.85
C GLU A 77 24.89 -10.34 3.39
N VAL A 78 23.61 -10.58 3.10
CA VAL A 78 23.11 -10.84 1.76
C VAL A 78 22.24 -9.68 1.34
N ASN A 79 22.67 -8.95 0.28
CA ASN A 79 21.99 -7.77 -0.24
C ASN A 79 21.80 -6.71 0.83
N LYS A 80 22.65 -5.70 0.84
CA LYS A 80 22.67 -4.70 1.90
C LYS A 80 21.61 -3.62 1.68
N PRO A 81 20.52 -3.65 2.44
CA PRO A 81 19.46 -2.65 2.22
C PRO A 81 19.84 -1.30 2.77
N LEU A 82 19.18 -0.28 2.22
CA LEU A 82 19.12 1.01 2.87
C LEU A 82 18.06 0.93 3.97
N PHE A 83 18.46 1.23 5.20
CA PHE A 83 17.55 1.26 6.34
C PHE A 83 17.08 2.68 6.59
N ILE A 84 15.78 2.86 6.75
CA ILE A 84 15.23 4.12 7.19
C ILE A 84 14.62 3.91 8.57
N PHE A 85 15.18 4.57 9.57
CA PHE A 85 14.67 4.49 10.94
C PHE A 85 13.81 5.70 11.23
N ALA A 86 12.59 5.47 11.71
CA ALA A 86 11.68 6.55 12.07
C ALA A 86 11.32 6.43 13.55
N ALA A 87 11.50 7.53 14.28
CA ALA A 87 11.19 7.63 15.70
C ALA A 87 12.12 6.80 16.57
N MET A 88 13.31 6.47 16.06
CA MET A 88 14.28 5.65 16.78
C MET A 88 15.58 5.73 16.01
N GLY A 89 16.64 5.24 16.64
CA GLY A 89 17.95 5.14 16.00
C GLY A 89 18.96 6.18 16.48
N SER A 90 18.49 7.33 16.99
CA SER A 90 19.43 8.35 17.43
C SER A 90 20.14 7.96 18.73
N GLY A 91 19.43 7.33 19.67
CA GLY A 91 20.09 6.84 20.88
C GLY A 91 20.82 5.54 20.71
N GLN A 92 20.41 4.74 19.73
CA GLN A 92 21.05 3.49 19.38
C GLN A 92 22.11 3.68 18.30
N ILE A 93 22.55 4.92 18.08
CA ILE A 93 23.41 5.26 16.96
C ILE A 93 24.74 4.53 17.05
N GLU A 94 25.24 4.29 18.27
CA GLU A 94 26.52 3.63 18.43
C GLU A 94 26.48 2.22 17.85
N GLU A 95 25.40 1.48 18.11
CA GLU A 95 25.29 0.11 17.62
C GLU A 95 25.01 0.07 16.12
N ILE A 96 24.36 1.10 15.58
CA ILE A 96 24.12 1.14 14.14
C ILE A 96 25.42 1.38 13.39
N ILE A 97 26.29 2.25 13.92
CA ILE A 97 27.60 2.46 13.33
C ILE A 97 28.43 1.17 13.42
N LYS A 98 28.42 0.51 14.58
CA LYS A 98 29.17 -0.73 14.78
C LYS A 98 28.92 -1.73 13.66
N HIS A 99 27.65 -1.98 13.35
CA HIS A 99 27.28 -2.95 12.31
C HIS A 99 27.31 -2.35 10.91
N ASN A 100 27.55 -1.05 10.77
CA ASN A 100 27.80 -0.45 9.46
C ASN A 100 26.57 -0.52 8.55
N PHE A 101 25.41 -0.18 9.12
CA PHE A 101 24.21 -0.03 8.31
C PHE A 101 24.38 1.09 7.30
N ASN A 102 23.79 0.90 6.13
CA ASN A 102 23.51 2.00 5.20
C ASN A 102 22.16 2.57 5.63
N ALA A 103 22.17 3.72 6.30
CA ALA A 103 21.01 4.05 7.10
C ALA A 103 20.66 5.53 7.02
N ILE A 104 19.38 5.80 7.25
CA ILE A 104 18.86 7.14 7.45
C ILE A 104 18.05 7.13 8.74
N ILE A 105 18.41 7.99 9.68
CA ILE A 105 17.75 8.06 10.98
C ILE A 105 16.89 9.31 11.04
N LEU A 106 15.59 9.12 11.19
CA LEU A 106 14.62 10.21 11.32
C LEU A 106 14.04 10.12 12.72
N ASP A 107 14.60 10.90 13.63
CA ASP A 107 14.36 10.71 15.05
C ASP A 107 14.36 12.05 15.75
N HIS A 108 13.37 12.26 16.62
CA HIS A 108 13.28 13.49 17.41
C HIS A 108 13.59 13.25 18.89
N HIS A 109 14.14 12.08 19.24
CA HIS A 109 14.65 11.81 20.57
C HIS A 109 16.04 12.44 20.73
N PRO A 110 16.39 12.84 21.96
CA PRO A 110 17.68 13.52 22.20
C PRO A 110 18.83 12.69 21.64
N PRO A 111 19.72 13.31 20.86
CA PRO A 111 20.75 12.54 20.14
C PRO A 111 21.96 12.19 20.99
N VAL A 112 22.54 11.02 20.68
CA VAL A 112 23.81 10.62 21.31
C VAL A 112 24.99 11.29 20.60
N ILE A 113 25.10 11.13 19.28
CA ILE A 113 26.06 11.88 18.47
C ILE A 113 25.31 13.05 17.89
N LYS A 114 25.98 14.21 17.83
CA LYS A 114 25.32 15.46 17.43
C LYS A 114 25.66 15.89 16.01
N ASP A 115 25.73 14.93 15.08
CA ASP A 115 26.09 15.18 13.69
C ASP A 115 24.99 14.71 12.73
N SER A 116 24.76 15.50 11.69
CA SER A 116 23.82 15.07 10.65
C SER A 116 24.43 14.03 9.73
N PHE A 117 25.72 14.15 9.42
CA PHE A 117 26.41 13.27 8.48
C PHE A 117 27.46 12.48 9.26
N ILE A 118 27.18 11.21 9.49
CA ILE A 118 27.96 10.43 10.44
C ILE A 118 29.21 9.87 9.77
N ASN A 119 29.08 9.01 8.77
CA ASN A 119 30.27 8.38 8.22
C ASN A 119 30.08 8.02 6.77
N GLU A 120 29.51 8.95 5.99
CA GLU A 120 29.32 8.76 4.55
C GLU A 120 28.28 7.68 4.27
N ASN A 121 28.01 6.81 5.24
CA ASN A 121 26.99 5.78 5.10
C ASN A 121 25.72 6.07 5.90
N ILE A 122 25.76 7.01 6.84
CA ILE A 122 24.63 7.29 7.69
C ILE A 122 24.32 8.77 7.60
N ILE A 123 23.05 9.09 7.35
CA ILE A 123 22.52 10.43 7.55
C ILE A 123 21.57 10.39 8.74
N GLN A 124 21.68 11.40 9.60
CA GLN A 124 20.84 11.50 10.78
C GLN A 124 20.16 12.86 10.74
N LEU A 125 18.83 12.84 10.58
CA LEU A 125 18.03 14.07 10.63
C LEU A 125 17.35 14.14 12.01
N ASN A 126 18.03 14.79 12.95
CA ASN A 126 17.53 14.98 14.30
C ASN A 126 17.29 16.46 14.54
N PRO A 127 16.07 16.87 14.89
CA PRO A 127 15.83 18.31 15.14
C PRO A 127 16.65 18.91 16.28
N HIS A 128 17.00 18.13 17.33
CA HIS A 128 17.83 18.66 18.41
C HIS A 128 19.18 19.16 17.87
N ILE A 129 19.70 18.53 16.81
CA ILE A 129 20.92 19.03 16.16
C ILE A 129 20.80 20.50 15.81
N PHE A 130 19.60 20.97 15.49
CA PHE A 130 19.42 22.34 15.05
C PHE A 130 18.77 23.22 16.13
N GLY A 131 18.88 22.82 17.39
CA GLY A 131 18.26 23.58 18.47
C GLY A 131 16.75 23.62 18.39
N VAL A 132 16.13 22.51 18.02
CA VAL A 132 14.68 22.39 17.96
C VAL A 132 14.29 21.26 18.91
N ASP A 133 13.27 21.51 19.73
CA ASP A 133 12.95 20.62 20.87
C ASP A 133 12.02 19.51 20.41
N GLY A 134 12.54 18.29 20.32
CA GLY A 134 11.76 17.14 19.89
C GLY A 134 10.59 16.79 20.81
N SER A 135 10.45 17.47 21.95
CA SER A 135 9.31 17.27 22.85
C SER A 135 8.19 18.29 22.64
N ARG A 136 8.48 19.43 22.01
CA ARG A 136 7.51 20.50 22.00
C ARG A 136 7.30 21.08 20.61
N GLU A 137 8.33 21.01 19.75
CA GLU A 137 8.35 21.77 18.50
C GLU A 137 8.30 20.94 17.22
N ILE A 138 8.48 19.61 17.31
CA ILE A 138 8.46 18.73 16.16
C ILE A 138 8.26 17.31 16.67
N THR A 139 7.54 16.49 15.90
CA THR A 139 7.42 15.07 16.15
C THR A 139 8.13 14.29 15.05
N ALA A 140 8.15 12.97 15.21
CA ALA A 140 8.78 12.10 14.20
C ALA A 140 8.03 12.13 12.87
N SER A 141 6.68 12.23 12.91
CA SER A 141 5.93 12.46 11.68
C SER A 141 6.38 13.72 10.97
N GLY A 142 6.50 14.82 11.72
CA GLY A 142 6.97 16.05 11.12
C GLY A 142 8.35 15.92 10.52
N VAL A 143 9.21 15.08 11.11
CA VAL A 143 10.52 14.87 10.53
C VAL A 143 10.39 14.15 9.20
N CYS A 144 9.56 13.09 9.17
CA CYS A 144 9.27 12.42 7.92
C CYS A 144 8.62 13.37 6.93
N TYR A 145 7.71 14.23 7.41
CA TYR A 145 7.09 15.18 6.50
C TYR A 145 8.13 16.13 5.88
N LEU A 146 9.10 16.58 6.68
CA LEU A 146 10.13 17.46 6.13
C LEU A 146 10.85 16.85 4.94
N VAL A 147 11.04 15.53 4.93
CA VAL A 147 11.61 14.89 3.78
C VAL A 147 10.60 14.86 2.63
N ALA A 148 9.37 14.44 2.92
CA ALA A 148 8.39 14.32 1.85
C ALA A 148 8.15 15.66 1.16
N ARG A 149 8.22 16.76 1.91
CA ARG A 149 8.17 18.10 1.34
C ARG A 149 9.09 18.22 0.14
N GLU A 150 10.31 17.68 0.28
CA GLU A 150 11.32 17.79 -0.77
C GLU A 150 10.80 17.28 -2.11
N PHE A 151 9.84 16.34 -2.09
CA PHE A 151 9.20 15.85 -3.29
C PHE A 151 7.91 16.59 -3.63
N GLY A 152 7.44 17.49 -2.77
CA GLY A 152 6.19 18.18 -3.01
C GLY A 152 4.94 17.42 -2.57
N TYR A 153 5.07 16.44 -1.69
CA TYR A 153 3.92 15.66 -1.23
C TYR A 153 3.26 16.35 -0.03
N TYR A 154 2.78 17.58 -0.29
CA TYR A 154 2.13 18.39 0.75
C TYR A 154 0.91 17.72 1.36
N ASP A 155 0.22 16.90 0.59
CA ASP A 155 -0.94 16.21 1.12
C ASP A 155 -0.56 15.32 2.31
N LEU A 156 0.72 14.96 2.46
CA LEU A 156 1.14 14.13 3.59
C LEU A 156 1.15 14.87 4.91
N SER A 157 0.96 16.20 4.88
CA SER A 157 0.94 16.97 6.12
C SER A 157 -0.17 16.50 7.07
N VAL A 158 -1.26 15.89 6.56
CA VAL A 158 -2.33 15.46 7.45
C VAL A 158 -1.84 14.35 8.38
N LEU A 159 -1.02 13.42 7.88
CA LEU A 159 -0.43 12.45 8.80
C LEU A 159 0.54 13.13 9.77
N ALA A 160 1.15 14.25 9.38
CA ALA A 160 2.01 14.95 10.31
C ALA A 160 1.19 15.54 11.46
N ILE A 161 0.01 16.06 11.13
CA ILE A 161 -0.86 16.61 12.17
C ILE A 161 -1.32 15.50 13.12
N VAL A 162 -1.58 14.30 12.58
CA VAL A 162 -1.98 13.18 13.44
C VAL A 162 -0.87 12.86 14.45
N GLY A 163 0.40 12.94 14.01
CA GLY A 163 1.49 12.71 14.94
C GLY A 163 1.67 13.83 15.96
N ILE A 164 1.41 15.08 15.55
CA ILE A 164 1.47 16.18 16.50
C ILE A 164 0.51 15.92 17.67
N ILE A 165 -0.72 15.56 17.34
CA ILE A 165 -1.71 15.28 18.39
C ILE A 165 -1.28 14.09 19.22
N GLY A 166 -0.93 12.97 18.56
CA GLY A 166 -0.56 11.75 19.27
C GLY A 166 0.63 11.94 20.20
N ASP A 167 1.56 12.82 19.86
CA ASP A 167 2.67 13.12 20.75
C ASP A 167 2.40 14.33 21.63
N MET A 168 1.14 14.74 21.76
CA MET A 168 0.73 15.81 22.68
C MET A 168 1.59 17.06 22.50
N GLN A 169 1.69 17.52 21.25
CA GLN A 169 2.38 18.76 20.94
C GLN A 169 1.46 19.77 20.23
N TYR A 170 0.13 19.63 20.39
CA TYR A 170 -0.82 20.53 19.73
C TYR A 170 -1.19 21.75 20.55
N ASN A 171 -1.00 21.71 21.87
CA ASN A 171 -1.42 22.80 22.75
C ASN A 171 -0.36 23.02 23.82
N PRO A 172 0.51 24.01 23.66
CA PRO A 172 0.55 25.01 22.59
C PRO A 172 1.16 24.47 21.28
N LEU A 173 0.76 25.02 20.14
CA LEU A 173 1.32 24.66 18.84
C LEU A 173 2.54 25.52 18.55
N LEU A 174 3.72 24.91 18.59
CA LEU A 174 4.99 25.62 18.54
C LEU A 174 5.82 25.25 17.32
N GLY A 175 6.64 26.22 16.88
CA GLY A 175 7.78 25.93 16.01
C GLY A 175 7.45 25.25 14.69
N LEU A 176 8.16 24.16 14.42
CA LEU A 176 8.01 23.50 13.13
C LEU A 176 6.64 22.87 12.99
N ASN A 177 6.04 22.42 14.10
CA ASN A 177 4.67 21.92 14.00
C ASN A 177 3.75 23.03 13.52
N LYS A 178 4.00 24.27 13.95
CA LYS A 178 3.15 25.37 13.51
C LYS A 178 3.35 25.65 12.02
N PHE A 179 4.59 25.57 11.55
CA PHE A 179 4.86 25.74 10.12
C PHE A 179 4.06 24.72 9.31
N ILE A 180 4.20 23.44 9.69
CA ILE A 180 3.50 22.35 9.00
C ILE A 180 2.00 22.62 8.97
N VAL A 181 1.42 22.89 10.13
CA VAL A 181 -0.03 23.08 10.24
C VAL A 181 -0.49 24.18 9.30
N ASN A 182 0.22 25.31 9.33
CA ASN A 182 -0.12 26.41 8.43
C ASN A 182 0.08 25.99 6.98
N GLU A 183 1.11 25.20 6.70
CA GLU A 183 1.31 24.75 5.33
C GLU A 183 0.15 23.88 4.87
N ALA A 184 -0.32 22.98 5.74
CA ALA A 184 -1.48 22.15 5.39
C ALA A 184 -2.73 22.98 5.26
N ARG A 185 -2.81 24.12 5.96
CA ARG A 185 -3.98 24.99 5.82
C ARG A 185 -3.91 25.79 4.52
N GLU A 186 -2.72 26.23 4.12
CA GLU A 186 -2.57 26.99 2.88
C GLU A 186 -2.92 26.12 1.68
N TYR A 187 -2.53 24.85 1.71
CA TYR A 187 -2.83 23.94 0.62
C TYR A 187 -4.18 23.28 0.77
N ARG A 188 -4.98 23.73 1.74
CA ARG A 188 -6.35 23.29 1.94
C ARG A 188 -6.45 21.81 2.31
N TYR A 189 -5.45 21.27 2.99
CA TYR A 189 -5.55 19.91 3.48
C TYR A 189 -6.09 19.81 4.90
N VAL A 190 -6.20 20.94 5.62
CA VAL A 190 -6.81 20.93 6.94
C VAL A 190 -7.63 22.19 7.15
N LYS A 191 -8.67 22.05 7.97
CA LYS A 191 -9.52 23.14 8.43
C LYS A 191 -9.54 23.07 9.95
N ILE A 192 -9.38 24.21 10.60
CA ILE A 192 -9.33 24.30 12.06
C ILE A 192 -10.64 24.87 12.56
N MET A 193 -11.20 24.25 13.59
CA MET A 193 -12.46 24.75 14.12
C MET A 193 -12.50 24.47 15.62
N ASN A 194 -12.73 25.54 16.41
CA ASN A 194 -12.88 25.43 17.85
C ASN A 194 -14.19 24.77 18.21
N ASP A 195 -14.15 23.78 19.11
CA ASP A 195 -15.33 22.96 19.41
C ASP A 195 -15.17 22.28 20.76
N ILE A 196 -16.23 21.62 21.19
CA ILE A 196 -16.18 20.78 22.37
C ILE A 196 -15.49 19.47 22.03
N VAL A 197 -14.65 18.99 22.95
CA VAL A 197 -13.93 17.74 22.72
C VAL A 197 -14.88 16.61 22.41
N TYR A 198 -16.08 16.61 23.01
CA TYR A 198 -16.97 15.47 22.84
C TYR A 198 -17.52 15.37 21.43
N ASN A 199 -17.45 16.44 20.64
CA ASN A 199 -18.00 16.40 19.29
C ASN A 199 -17.11 15.64 18.31
N ILE A 200 -15.89 15.26 18.69
CA ILE A 200 -15.04 14.59 17.71
C ILE A 200 -15.46 13.14 17.45
N TYR A 201 -16.20 12.50 18.37
CA TYR A 201 -16.37 11.05 18.31
C TYR A 201 -17.49 10.62 17.37
N ASP A 202 -18.49 11.48 17.19
CA ASP A 202 -19.62 11.20 16.30
C ASP A 202 -20.40 9.98 16.77
N VAL A 203 -20.44 9.79 18.09
CA VAL A 203 -21.26 8.79 18.75
C VAL A 203 -22.19 9.55 19.70
N GLU A 204 -23.14 8.82 20.29
CA GLU A 204 -24.02 9.43 21.27
C GLU A 204 -23.21 10.12 22.38
N ILE A 205 -23.69 11.29 22.83
CA ILE A 205 -22.88 12.13 23.71
C ILE A 205 -22.59 11.41 25.02
N TYR A 206 -23.57 10.71 25.58
CA TYR A 206 -23.33 10.06 26.86
C TYR A 206 -22.22 9.02 26.76
N LYS A 207 -22.07 8.38 25.61
CA LYS A 207 -20.91 7.51 25.44
C LYS A 207 -19.65 8.33 25.22
N ALA A 208 -19.75 9.46 24.52
CA ALA A 208 -18.56 10.27 24.31
C ALA A 208 -18.03 10.83 25.62
N ILE A 209 -18.92 11.20 26.54
CA ILE A 209 -18.48 11.63 27.87
C ILE A 209 -17.98 10.43 28.67
N ALA A 210 -18.76 9.36 28.71
CA ALA A 210 -18.41 8.21 29.55
C ALA A 210 -16.99 7.72 29.30
N TYR A 211 -16.51 7.78 28.06
CA TYR A 211 -15.27 7.11 27.72
C TYR A 211 -14.16 8.08 27.44
N CYS A 212 -14.37 9.34 27.74
CA CYS A 212 -13.39 10.36 27.46
C CYS A 212 -12.28 10.35 28.51
N THR A 213 -11.04 10.52 28.05
CA THR A 213 -9.90 10.63 28.95
C THR A 213 -9.07 11.90 28.74
N LYS A 214 -9.54 12.85 27.95
CA LYS A 214 -8.98 14.21 27.96
C LYS A 214 -10.10 15.23 27.82
N PRO A 215 -10.68 15.66 28.94
CA PRO A 215 -10.32 15.28 30.32
C PRO A 215 -11.02 14.01 30.79
N TYR A 216 -10.33 13.25 31.64
CA TYR A 216 -10.96 12.17 32.39
C TYR A 216 -11.75 12.77 33.54
N ILE A 217 -13.02 12.41 33.64
CA ILE A 217 -13.89 12.87 34.71
C ILE A 217 -14.46 11.66 35.42
N PRO A 218 -13.83 11.23 36.51
CA PRO A 218 -14.21 9.95 37.15
C PRO A 218 -15.67 9.84 37.51
N ASP A 219 -16.32 10.92 37.90
CA ASP A 219 -17.72 10.81 38.29
C ASP A 219 -18.64 10.65 37.08
N LEU A 220 -18.19 11.04 35.89
CA LEU A 220 -18.98 10.89 34.68
C LEU A 220 -18.58 9.67 33.85
N ALA A 221 -17.56 8.92 34.28
CA ALA A 221 -16.97 7.86 33.47
C ALA A 221 -17.81 6.59 33.45
N SER A 222 -19.07 6.75 33.02
CA SER A 222 -19.99 5.63 33.06
C SER A 222 -21.20 6.00 32.23
N GLU A 223 -21.68 5.04 31.43
CA GLU A 223 -22.82 5.35 30.57
C GLU A 223 -23.99 5.87 31.38
N GLY A 224 -24.28 5.25 32.51
CA GLY A 224 -25.45 5.64 33.29
C GLY A 224 -25.31 7.01 33.93
N LYS A 225 -24.19 7.25 34.63
CA LYS A 225 -23.98 8.55 35.25
C LYS A 225 -23.90 9.66 34.21
N ALA A 226 -23.30 9.37 33.05
CA ALA A 226 -23.25 10.37 32.00
C ALA A 226 -24.62 10.62 31.38
N PHE A 227 -25.39 9.54 31.17
CA PHE A 227 -26.75 9.68 30.67
C PHE A 227 -27.59 10.55 31.60
N LYS A 228 -27.50 10.29 32.91
CA LYS A 228 -28.24 11.07 33.89
C LYS A 228 -27.81 12.54 33.90
N PHE A 229 -26.49 12.78 33.95
CA PHE A 229 -26.01 14.15 34.03
C PHE A 229 -26.55 15.00 32.87
N LEU A 230 -26.67 14.40 31.68
CA LEU A 230 -27.14 15.16 30.52
C LEU A 230 -28.64 15.38 30.56
N LYS A 231 -29.41 14.39 31.02
CA LYS A 231 -30.86 14.58 31.12
C LYS A 231 -31.20 15.64 32.16
N ASP A 232 -30.42 15.73 33.24
CA ASP A 232 -30.71 16.72 34.26
C ASP A 232 -30.56 18.13 33.75
N ILE A 233 -29.64 18.38 32.83
CA ILE A 233 -29.36 19.73 32.41
C ILE A 233 -30.03 20.08 31.08
N GLY A 234 -30.85 19.18 30.54
CA GLY A 234 -31.67 19.52 29.41
C GLY A 234 -31.08 19.22 28.05
N ILE A 235 -30.22 18.21 27.94
CA ILE A 235 -29.62 17.82 26.67
C ILE A 235 -30.07 16.42 26.33
N ASP A 236 -30.48 16.21 25.09
CA ASP A 236 -30.81 14.86 24.67
C ASP A 236 -29.54 14.01 24.65
N PRO A 237 -29.39 13.05 25.57
CA PRO A 237 -28.12 12.30 25.63
C PRO A 237 -27.91 11.36 24.46
N ASN A 238 -28.88 11.20 23.57
CA ASN A 238 -28.72 10.33 22.41
C ASN A 238 -28.24 11.07 21.18
N LYS A 239 -28.18 12.41 21.24
CA LYS A 239 -27.60 13.21 20.17
C LYS A 239 -26.14 12.83 19.95
N LYS A 240 -25.65 13.06 18.73
CA LYS A 240 -24.26 12.79 18.42
C LYS A 240 -23.40 14.03 18.20
N GLN A 241 -23.99 15.22 18.07
CA GLN A 241 -23.25 16.47 18.02
C GLN A 241 -23.99 17.51 18.86
N LEU A 242 -23.22 18.29 19.62
CA LEU A 242 -23.79 19.35 20.45
C LEU A 242 -23.73 20.67 19.69
N ASP A 243 -24.88 21.32 19.57
CA ASP A 243 -24.96 22.63 18.95
C ASP A 243 -24.59 23.70 19.97
N ASP A 244 -24.59 24.96 19.52
CA ASP A 244 -24.06 26.04 20.36
C ASP A 244 -24.77 26.12 21.71
N THR A 245 -26.07 25.89 21.73
CA THR A 245 -26.83 26.02 22.97
C THR A 245 -26.49 24.89 23.93
N ASP A 246 -26.40 23.65 23.41
CA ASP A 246 -26.00 22.52 24.26
C ASP A 246 -24.55 22.64 24.72
N LYS A 247 -23.67 23.22 23.87
CA LYS A 247 -22.30 23.41 24.29
C LYS A 247 -22.23 24.35 25.49
N LYS A 248 -22.92 25.48 25.42
CA LYS A 248 -22.93 26.43 26.52
C LYS A 248 -23.48 25.79 27.80
N LYS A 249 -24.56 25.00 27.67
CA LYS A 249 -25.16 24.39 28.86
C LYS A 249 -24.27 23.31 29.46
N LEU A 250 -23.60 22.52 28.63
CA LEU A 250 -22.73 21.47 29.16
C LEU A 250 -21.48 22.06 29.83
N LEU A 251 -20.88 23.08 29.21
CA LEU A 251 -19.71 23.75 29.77
C LEU A 251 -19.99 24.29 31.16
N SER A 252 -21.01 25.14 31.29
CA SER A 252 -21.33 25.75 32.57
C SER A 252 -21.59 24.70 33.64
N ALA A 253 -22.28 23.62 33.28
CA ALA A 253 -22.57 22.58 34.26
C ALA A 253 -21.31 21.81 34.69
N ILE A 254 -20.43 21.50 33.74
CA ILE A 254 -19.22 20.75 34.06
C ILE A 254 -18.25 21.62 34.84
N ILE A 255 -18.06 22.86 34.38
CA ILE A 255 -17.08 23.74 35.01
C ILE A 255 -17.53 24.12 36.40
N PHE A 256 -18.84 24.29 36.61
CA PHE A 256 -19.34 24.60 37.95
C PHE A 256 -19.08 23.42 38.90
N LYS A 257 -19.57 22.23 38.55
CA LYS A 257 -19.40 21.09 39.45
C LYS A 257 -17.95 20.64 39.54
N TYR A 258 -17.10 21.00 38.57
CA TYR A 258 -15.68 20.58 38.56
C TYR A 258 -14.80 21.72 38.08
N PRO A 259 -14.60 22.75 38.92
CA PRO A 259 -13.92 23.96 38.44
C PRO A 259 -12.45 23.77 38.10
N LYS A 260 -11.83 22.67 38.52
CA LYS A 260 -10.43 22.47 38.11
C LYS A 260 -10.29 21.98 36.68
N ILE A 261 -11.41 21.61 36.03
CA ILE A 261 -11.34 20.95 34.73
C ILE A 261 -10.84 21.93 33.66
N GLU A 262 -10.24 21.36 32.63
CA GLU A 262 -9.64 22.16 31.57
C GLU A 262 -9.69 21.38 30.26
N ASN A 263 -9.42 22.10 29.17
CA ASN A 263 -9.29 21.49 27.83
C ASN A 263 -10.62 20.90 27.37
N LEU A 264 -11.73 21.51 27.75
CA LEU A 264 -12.99 21.05 27.20
C LEU A 264 -13.20 21.62 25.80
N LEU A 265 -12.71 22.83 25.55
CA LEU A 265 -12.71 23.41 24.21
C LEU A 265 -11.35 23.18 23.55
N ILE A 266 -11.37 22.62 22.34
CA ILE A 266 -10.15 22.35 21.60
C ILE A 266 -10.30 22.93 20.20
N ASP A 267 -9.15 23.13 19.54
CA ASP A 267 -9.06 23.43 18.10
C ASP A 267 -9.12 22.10 17.34
N ARG A 268 -10.27 21.76 16.76
CA ARG A 268 -10.36 20.55 15.96
C ARG A 268 -9.61 20.71 14.63
N TYR A 269 -8.98 19.63 14.19
CA TYR A 269 -8.32 19.60 12.89
C TYR A 269 -9.11 18.67 11.98
N LEU A 270 -9.79 19.24 11.01
CA LEU A 270 -10.51 18.50 10.00
C LEU A 270 -9.58 18.35 8.81
N ILE A 271 -9.04 17.14 8.63
CA ILE A 271 -8.02 16.87 7.64
C ILE A 271 -8.65 16.26 6.39
N GLU A 272 -7.94 16.38 5.28
CA GLU A 272 -8.27 15.62 4.09
C GLU A 272 -7.89 14.15 4.28
N HIS A 273 -8.81 13.33 4.83
CA HIS A 273 -8.56 11.93 5.09
C HIS A 273 -9.91 11.28 5.31
N LYS A 274 -9.99 9.97 5.08
CA LYS A 274 -11.27 9.29 5.26
C LYS A 274 -11.74 9.38 6.71
N VAL A 275 -10.81 9.30 7.66
CA VAL A 275 -11.11 9.66 9.05
C VAL A 275 -10.87 11.16 9.13
N ARG A 276 -11.94 11.93 8.96
CA ARG A 276 -11.84 13.39 8.86
C ARG A 276 -11.27 14.04 10.13
N ASP A 277 -11.66 13.56 11.33
CA ASP A 277 -11.18 14.20 12.56
C ASP A 277 -9.84 13.62 12.95
N ALA A 278 -8.82 14.49 13.01
CA ALA A 278 -7.46 14.04 13.29
C ALA A 278 -7.31 13.59 14.75
N PHE A 279 -8.05 14.22 15.68
CA PHE A 279 -8.03 13.73 17.05
C PHE A 279 -8.57 12.31 17.13
N LEU A 280 -9.68 12.03 16.43
CA LEU A 280 -10.17 10.66 16.38
C LEU A 280 -9.14 9.75 15.73
N LEU A 281 -8.55 10.19 14.62
CA LEU A 281 -7.56 9.38 13.92
C LEU A 281 -6.37 9.08 14.83
N SER A 282 -5.97 10.07 15.63
CA SER A 282 -4.88 9.88 16.59
C SER A 282 -5.23 8.80 17.61
N GLU A 283 -6.44 8.85 18.20
CA GLU A 283 -6.86 7.82 19.15
C GLU A 283 -7.01 6.46 18.48
N MET A 284 -7.56 6.43 17.26
CA MET A 284 -7.73 5.18 16.55
C MET A 284 -6.39 4.49 16.33
N LEU A 285 -5.39 5.26 15.86
CA LEU A 285 -4.07 4.68 15.62
C LEU A 285 -3.43 4.22 16.93
N ASN A 286 -3.58 5.02 17.99
CA ASN A 286 -3.08 4.56 19.28
C ASN A 286 -3.73 3.23 19.68
N ALA A 287 -5.04 3.09 19.47
CA ALA A 287 -5.68 1.88 19.96
C ALA A 287 -5.19 0.64 19.22
N VAL A 288 -5.05 0.71 17.89
CA VAL A 288 -4.66 -0.47 17.13
C VAL A 288 -3.19 -0.78 17.37
N GLY A 289 -2.37 0.25 17.62
CA GLY A 289 -0.97 -0.01 17.94
C GLY A 289 -0.82 -0.76 19.26
N ARG A 290 -1.54 -0.32 20.28
CA ARG A 290 -1.46 -0.97 21.58
C ARG A 290 -2.01 -2.39 21.56
N ASN A 291 -2.79 -2.75 20.55
CA ASN A 291 -3.28 -4.11 20.35
C ASN A 291 -2.41 -4.89 19.40
N GLY A 292 -1.23 -4.39 19.04
CA GLY A 292 -0.37 -5.17 18.17
C GLY A 292 -0.89 -5.30 16.76
N LEU A 293 -1.74 -4.37 16.34
CA LEU A 293 -2.30 -4.40 15.00
C LEU A 293 -1.55 -3.38 14.14
N PHE A 294 -0.28 -3.70 13.88
CA PHE A 294 0.59 -2.72 13.25
C PHE A 294 0.24 -2.52 11.77
N ALA A 295 0.06 -3.61 11.03
CA ALA A 295 -0.29 -3.47 9.62
C ALA A 295 -1.66 -2.83 9.43
N VAL A 296 -2.58 -3.04 10.37
CA VAL A 296 -3.88 -2.39 10.27
C VAL A 296 -3.71 -0.88 10.45
N GLY A 297 -2.81 -0.46 11.34
CA GLY A 297 -2.55 0.96 11.48
C GLY A 297 -2.02 1.58 10.20
N ILE A 298 -1.04 0.92 9.57
CA ILE A 298 -0.58 1.38 8.25
C ILE A 298 -1.77 1.49 7.30
N GLY A 299 -2.64 0.48 7.27
CA GLY A 299 -3.78 0.49 6.36
C GLY A 299 -4.74 1.64 6.61
N ILE A 300 -4.89 2.05 7.87
CA ILE A 300 -5.71 3.21 8.20
C ILE A 300 -5.10 4.47 7.59
N CYS A 301 -3.76 4.61 7.68
CA CYS A 301 -3.06 5.73 7.07
C CYS A 301 -3.19 5.71 5.56
N LEU A 302 -3.10 4.53 4.96
CA LEU A 302 -3.32 4.35 3.53
C LEU A 302 -4.80 4.40 3.17
N GLU A 303 -5.69 4.65 4.15
CA GLU A 303 -7.10 4.95 3.91
C GLU A 303 -7.88 3.76 3.38
N ASP A 304 -7.54 2.53 3.79
CA ASP A 304 -8.30 1.34 3.40
C ASP A 304 -9.58 1.22 4.22
N ASP A 305 -10.70 0.91 3.55
CA ASP A 305 -11.99 0.89 4.24
C ASP A 305 -12.04 -0.18 5.33
N GLU A 306 -11.58 -1.40 5.04
CA GLU A 306 -11.70 -2.47 6.04
C GLU A 306 -10.82 -2.18 7.24
N CYS A 307 -9.58 -1.76 6.99
CA CYS A 307 -8.69 -1.35 8.08
C CYS A 307 -9.36 -0.29 8.96
N ILE A 308 -9.93 0.75 8.34
CA ILE A 308 -10.63 1.77 9.12
C ILE A 308 -11.80 1.16 9.90
N LYS A 309 -12.42 0.11 9.37
CA LYS A 309 -13.52 -0.53 10.08
C LYS A 309 -13.02 -1.23 11.35
N ILE A 310 -11.98 -2.05 11.21
CA ILE A 310 -11.28 -2.65 12.35
C ILE A 310 -10.89 -1.59 13.36
N GLY A 311 -10.26 -0.51 12.90
CA GLY A 311 -9.80 0.54 13.80
C GLY A 311 -10.91 1.14 14.64
N ASN A 312 -12.13 1.22 14.10
CA ASN A 312 -13.23 1.77 14.87
C ASN A 312 -13.69 0.79 15.93
N GLN A 313 -13.73 -0.49 15.58
CA GLN A 313 -14.14 -1.50 16.54
C GLN A 313 -13.15 -1.62 17.67
N ILE A 314 -11.85 -1.70 17.33
CA ILE A 314 -10.79 -1.80 18.32
C ILE A 314 -10.75 -0.55 19.19
N LEU A 315 -10.87 0.63 18.57
CA LEU A 315 -10.84 1.87 19.34
C LEU A 315 -11.84 1.85 20.48
N TRP A 316 -13.09 1.43 20.21
CA TRP A 316 -14.06 1.49 21.28
C TRP A 316 -13.89 0.35 22.28
N GLU A 317 -13.49 -0.83 21.84
CA GLU A 317 -13.05 -1.84 22.79
C GLU A 317 -11.94 -1.28 23.67
N TYR A 318 -11.03 -0.52 23.09
CA TYR A 318 -9.88 -0.03 23.84
C TYR A 318 -10.30 1.03 24.84
N LYS A 319 -11.22 1.92 24.44
CA LYS A 319 -11.60 2.99 25.34
C LYS A 319 -12.39 2.47 26.52
N LYS A 320 -13.09 1.35 26.35
CA LYS A 320 -13.82 0.76 27.46
C LYS A 320 -12.88 0.07 28.44
N ASN A 321 -11.97 -0.77 27.92
CA ASN A 321 -10.97 -1.38 28.78
C ASN A 321 -10.21 -0.31 29.55
N LEU A 322 -9.84 0.77 28.87
CA LEU A 322 -9.10 1.83 29.53
C LEU A 322 -9.85 2.38 30.74
N ILE A 323 -11.16 2.66 30.58
CA ILE A 323 -11.95 3.21 31.69
C ILE A 323 -11.99 2.23 32.87
N ASN A 324 -12.15 0.94 32.57
CA ASN A 324 -12.10 -0.11 33.59
C ASN A 324 -10.74 -0.17 34.28
N GLU A 325 -9.67 0.03 33.54
CA GLU A 325 -8.36 0.03 34.18
C GLU A 325 -8.20 1.24 35.11
N LEU A 326 -8.68 2.40 34.69
CA LEU A 326 -8.53 3.60 35.51
C LEU A 326 -9.33 3.51 36.80
N LYS A 327 -10.40 2.72 36.83
CA LYS A 327 -11.20 2.65 38.04
C LYS A 327 -10.64 1.66 39.05
N SER A 328 -9.58 0.93 38.68
CA SER A 328 -9.01 -0.10 39.54
C SER A 328 -7.51 0.08 39.75
N VAL A 329 -6.94 1.23 39.41
CA VAL A 329 -5.51 1.40 39.48
C VAL A 329 -5.08 1.52 40.94
N LYS A 330 -3.93 0.94 41.26
CA LYS A 330 -3.39 0.99 42.62
C LYS A 330 -2.17 1.92 42.59
N LEU A 331 -2.45 3.21 42.66
CA LEU A 331 -1.40 4.22 42.68
C LEU A 331 -0.68 4.16 44.01
N LYS A 332 0.64 4.00 43.96
CA LYS A 332 1.48 3.90 45.15
C LYS A 332 2.47 5.04 45.14
N LYS A 333 2.49 5.80 46.24
CA LYS A 333 3.37 6.95 46.36
C LYS A 333 4.72 6.50 46.92
N LEU A 334 5.79 6.95 46.27
CA LEU A 334 7.12 6.91 46.87
C LEU A 334 7.48 8.32 47.29
N ASN A 335 8.74 8.72 47.16
CA ASN A 335 9.08 10.05 47.65
C ASN A 335 8.70 11.15 46.67
N ASN A 336 8.95 10.94 45.37
CA ASN A 336 8.69 12.01 44.43
C ASN A 336 8.12 11.47 43.12
N ILE A 337 7.63 10.23 43.13
CA ILE A 337 6.92 9.67 41.99
C ILE A 337 5.72 8.89 42.52
N TYR A 338 4.71 8.76 41.67
CA TYR A 338 3.72 7.71 41.85
C TYR A 338 4.05 6.58 40.89
N TYR A 339 3.55 5.39 41.23
CA TYR A 339 3.82 4.23 40.39
C TYR A 339 2.71 3.22 40.53
N PHE A 340 2.60 2.35 39.54
CA PHE A 340 1.53 1.37 39.53
C PHE A 340 1.91 0.24 38.58
N GLU A 341 1.17 -0.86 38.67
CA GLU A 341 1.26 -1.98 37.75
C GLU A 341 0.00 -2.02 36.88
N GLY A 342 0.16 -2.40 35.62
CA GLY A 342 -0.97 -2.42 34.72
C GLY A 342 -0.74 -3.31 33.52
N LYS A 343 -1.64 -3.19 32.54
CA LYS A 343 -1.56 -4.01 31.34
C LYS A 343 -0.61 -3.40 30.31
N LYS A 344 -0.05 -4.27 29.47
CA LYS A 344 1.00 -3.89 28.51
C LYS A 344 0.59 -2.68 27.66
N GLY A 345 -0.65 -2.65 27.19
CA GLY A 345 -1.12 -1.58 26.33
C GLY A 345 -1.66 -0.35 27.01
N MET A 346 -1.68 -0.30 28.36
CA MET A 346 -2.27 0.82 29.10
C MET A 346 -1.30 1.63 29.93
N ILE A 347 -0.15 1.07 30.31
CA ILE A 347 0.64 1.72 31.36
C ILE A 347 1.14 3.09 30.92
N GLY A 348 1.39 3.28 29.63
CA GLY A 348 1.81 4.60 29.16
C GLY A 348 0.68 5.61 29.26
N ILE A 349 -0.49 5.28 28.69
CA ILE A 349 -1.59 6.24 28.67
C ILE A 349 -2.10 6.53 30.08
N ILE A 350 -2.24 5.50 30.93
CA ILE A 350 -2.73 5.74 32.28
C ILE A 350 -1.78 6.67 33.02
N ALA A 351 -0.46 6.47 32.87
CA ALA A 351 0.49 7.38 33.48
C ALA A 351 0.25 8.83 33.05
N SER A 352 0.00 9.03 31.75
CA SER A 352 -0.30 10.36 31.21
C SER A 352 -1.55 10.97 31.84
N ILE A 353 -2.60 10.16 32.00
CA ILE A 353 -3.87 10.67 32.50
C ILE A 353 -3.75 11.07 33.97
N LEU A 354 -3.08 10.24 34.77
CA LEU A 354 -3.01 10.47 36.19
C LEU A 354 -2.02 11.56 36.58
N VAL A 355 -1.08 11.90 35.69
CA VAL A 355 0.01 12.79 36.10
C VAL A 355 -0.55 14.15 36.51
N ASP A 356 -0.05 14.65 37.63
CA ASP A 356 -0.41 15.90 38.28
C ASP A 356 0.44 16.06 39.54
N ASP A 357 1.28 17.09 39.58
CA ASP A 357 2.23 17.43 40.65
C ASP A 357 3.48 16.55 40.68
N LYS A 358 3.37 15.25 40.40
CA LYS A 358 4.52 14.37 40.42
C LYS A 358 4.54 13.43 39.21
N PRO A 359 5.74 13.07 38.74
CA PRO A 359 5.83 12.08 37.64
C PRO A 359 5.29 10.72 38.04
N VAL A 360 4.72 10.02 37.06
CA VAL A 360 4.05 8.75 37.28
C VAL A 360 4.71 7.71 36.39
N ILE A 361 5.10 6.59 36.99
CA ILE A 361 5.68 5.48 36.25
C ILE A 361 4.77 4.28 36.39
N GLY A 362 4.36 3.69 35.27
CA GLY A 362 3.65 2.42 35.29
C GLY A 362 4.53 1.30 34.76
N TYR A 363 4.20 0.04 35.05
CA TYR A 363 4.99 -1.08 34.54
C TYR A 363 4.12 -2.34 34.42
N HIS A 364 4.56 -3.27 33.58
CA HIS A 364 3.95 -4.60 33.49
C HIS A 364 5.05 -5.65 33.37
N ILE A 365 4.73 -6.87 33.80
CA ILE A 365 5.66 -7.99 33.79
C ILE A 365 5.29 -8.92 32.65
N GLU A 366 6.29 -9.32 31.87
CA GLU A 366 6.10 -10.20 30.71
C GLU A 366 7.29 -11.15 30.68
N GLY A 367 7.07 -12.41 31.01
CA GLY A 367 8.18 -13.33 31.20
C GLY A 367 8.91 -12.98 32.48
N ASP A 368 10.24 -12.83 32.37
CA ASP A 368 11.11 -12.46 33.49
C ASP A 368 11.53 -11.00 33.43
N ILE A 369 10.78 -10.16 32.70
CA ILE A 369 11.13 -8.77 32.41
C ILE A 369 10.01 -7.87 32.93
N ALA A 370 10.37 -6.68 33.40
CA ALA A 370 9.39 -5.63 33.68
C ALA A 370 9.72 -4.43 32.81
N LYS A 371 8.70 -3.93 32.08
CA LYS A 371 8.82 -2.76 31.23
C LYS A 371 8.15 -1.57 31.91
N PHE A 372 8.85 -0.44 31.95
CA PHE A 372 8.36 0.75 32.63
C PHE A 372 8.07 1.88 31.64
N SER A 373 7.16 2.77 32.05
CA SER A 373 6.75 3.94 31.27
C SER A 373 6.57 5.14 32.21
N ALA A 374 7.42 6.13 32.09
CA ALA A 374 7.42 7.28 32.98
C ALA A 374 6.86 8.50 32.26
N ARG A 375 5.99 9.25 32.93
CA ARG A 375 5.42 10.45 32.33
C ARG A 375 5.49 11.63 33.29
N GLY A 376 5.70 12.83 32.73
CA GLY A 376 5.56 14.09 33.45
C GLY A 376 4.77 15.16 32.70
N ASN A 377 4.80 16.41 33.17
CA ASN A 377 4.22 17.55 32.45
C ASN A 377 5.34 18.43 31.91
N ARG A 378 4.92 19.41 31.11
CA ARG A 378 5.81 20.50 30.80
C ARG A 378 6.14 21.29 32.06
N ASP A 379 5.16 21.47 32.96
CA ASP A 379 5.42 22.14 34.23
C ASP A 379 6.52 21.43 35.01
N LEU A 380 6.51 20.10 35.04
CA LEU A 380 7.57 19.36 35.72
C LEU A 380 8.91 19.48 35.00
N VAL A 381 8.91 19.42 33.67
CA VAL A 381 10.16 19.54 32.92
C VAL A 381 10.80 20.91 33.13
N ASN A 382 9.97 21.95 33.27
CA ASN A 382 10.48 23.30 33.53
C ASN A 382 11.21 23.42 34.86
N ARG A 383 10.92 22.52 35.81
CA ARG A 383 11.56 22.52 37.11
C ARG A 383 12.71 21.52 37.17
N GLY A 384 13.25 21.11 36.03
CA GLY A 384 14.40 20.24 35.96
C GLY A 384 14.14 18.76 35.74
N LEU A 385 12.89 18.37 35.50
CA LEU A 385 12.62 16.95 35.27
C LEU A 385 13.24 16.50 33.96
N ASN A 386 13.85 15.32 33.98
CA ASN A 386 14.43 14.74 32.76
C ASN A 386 14.32 13.22 32.87
N LEU A 387 13.23 12.69 32.33
CA LEU A 387 13.00 11.25 32.43
C LEU A 387 14.00 10.47 31.60
N SER A 388 14.55 11.08 30.55
CA SER A 388 15.50 10.39 29.68
C SER A 388 16.76 9.99 30.45
N VAL A 389 17.27 10.89 31.28
CA VAL A 389 18.44 10.57 32.10
C VAL A 389 18.06 9.62 33.24
N ALA A 390 16.87 9.82 33.82
CA ALA A 390 16.46 9.06 35.00
C ALA A 390 16.12 7.62 34.66
N MET A 391 15.58 7.36 33.47
CA MET A 391 15.28 5.99 33.05
C MET A 391 16.54 5.25 32.56
N ALA A 392 17.54 6.00 32.10
CA ALA A 392 18.80 5.42 31.68
C ALA A 392 19.47 4.62 32.80
N VAL A 393 19.12 4.90 34.05
CA VAL A 393 19.74 4.26 35.21
C VAL A 393 19.42 2.76 35.21
N ALA A 394 18.59 2.32 34.26
CA ALA A 394 18.31 0.89 34.12
C ALA A 394 19.54 0.09 33.71
N LYS A 395 20.59 0.73 33.18
CA LYS A 395 21.82 -0.01 32.92
C LYS A 395 22.50 -0.46 34.20
N GLU A 396 22.21 0.19 35.33
CA GLU A 396 22.76 -0.26 36.61
C GLU A 396 22.23 -1.61 37.01
N PHE A 397 21.06 -2.01 36.50
CA PHE A 397 20.41 -3.26 36.82
C PHE A 397 20.36 -4.18 35.60
N GLY A 398 21.44 -4.18 34.82
CA GLY A 398 21.54 -4.99 33.62
C GLY A 398 20.46 -4.73 32.58
N GLY A 399 20.02 -3.48 32.44
CA GLY A 399 18.92 -3.15 31.57
C GLY A 399 19.24 -2.02 30.59
N ASN A 400 18.22 -1.24 30.27
CA ASN A 400 18.31 -0.21 29.25
C ASN A 400 17.11 0.72 29.37
N GLY A 401 17.32 2.02 29.22
CA GLY A 401 16.23 2.97 29.30
C GLY A 401 16.55 4.30 28.65
N GLY A 402 15.49 4.97 28.19
CA GLY A 402 15.63 6.28 27.57
C GLY A 402 14.31 6.79 27.03
N GLY A 403 14.38 7.95 26.40
CA GLY A 403 13.22 8.58 25.77
C GLY A 403 13.39 10.10 25.74
N HIS A 404 12.28 10.80 25.99
CA HIS A 404 12.30 12.26 26.12
C HIS A 404 12.39 12.67 27.58
N ASP A 405 12.64 13.96 27.79
CA ASP A 405 12.60 14.53 29.14
C ASP A 405 11.26 14.29 29.79
N VAL A 406 10.18 14.37 29.00
CA VAL A 406 8.84 14.35 29.55
C VAL A 406 8.19 12.96 29.45
N ALA A 407 8.79 12.03 28.73
CA ALA A 407 8.22 10.68 28.61
C ALA A 407 9.30 9.71 28.18
N SER A 408 9.51 8.66 28.97
CA SER A 408 10.58 7.69 28.71
C SER A 408 10.15 6.30 29.20
N GLY A 409 10.91 5.29 28.76
CA GLY A 409 10.64 3.92 29.14
C GLY A 409 11.92 3.23 29.54
N ALA A 410 11.79 1.98 30.00
CA ALA A 410 12.94 1.21 30.44
C ALA A 410 12.52 -0.25 30.62
N VAL A 411 13.53 -1.12 30.72
CA VAL A 411 13.33 -2.54 30.98
C VAL A 411 14.33 -3.01 32.03
N VAL A 412 13.86 -3.84 32.99
CA VAL A 412 14.67 -4.58 33.96
C VAL A 412 13.97 -5.90 34.25
N SER A 413 14.45 -6.67 35.25
CA SER A 413 14.03 -8.05 35.40
C SER A 413 13.29 -8.24 36.72
N LYS A 414 13.98 -8.55 37.82
CA LYS A 414 13.38 -8.74 39.13
C LYS A 414 13.66 -7.59 40.06
N ASP A 415 14.16 -6.48 39.52
CA ASP A 415 14.61 -5.34 40.31
C ASP A 415 13.62 -4.18 40.23
N LYS A 416 12.32 -4.49 40.29
CA LYS A 416 11.32 -3.43 40.11
C LYS A 416 11.37 -2.44 41.27
N VAL A 417 11.33 -2.91 42.51
CA VAL A 417 11.27 -1.98 43.64
C VAL A 417 12.62 -1.27 43.81
N GLN A 418 13.72 -1.96 43.51
CA GLN A 418 15.04 -1.37 43.65
C GLN A 418 15.28 -0.29 42.62
N GLU A 419 14.98 -0.59 41.36
CA GLU A 419 15.18 0.40 40.32
C GLU A 419 14.16 1.53 40.43
N PHE A 420 12.99 1.26 41.00
CA PHE A 420 12.07 2.34 41.36
C PHE A 420 12.72 3.32 42.32
N LEU A 421 13.24 2.82 43.44
CA LEU A 421 13.93 3.67 44.40
C LEU A 421 15.06 4.45 43.75
N LYS A 422 15.92 3.78 42.97
CA LYS A 422 17.04 4.47 42.33
C LYS A 422 16.58 5.60 41.41
N ARG A 423 15.36 5.51 40.85
CA ARG A 423 14.85 6.57 39.98
C ARG A 423 14.19 7.69 40.77
N VAL A 424 13.47 7.35 41.86
CA VAL A 424 12.99 8.39 42.78
C VAL A 424 14.16 9.22 43.27
N ASP A 425 15.31 8.57 43.51
CA ASP A 425 16.51 9.29 43.90
C ASP A 425 16.92 10.27 42.82
N GLU A 426 17.01 9.80 41.57
CA GLU A 426 17.45 10.67 40.50
C GLU A 426 16.45 11.79 40.26
N ILE A 427 15.17 11.57 40.59
CA ILE A 427 14.21 12.64 40.34
C ILE A 427 14.17 13.64 41.52
N ILE A 428 14.55 13.22 42.75
CA ILE A 428 14.77 14.20 43.82
C ILE A 428 15.87 15.18 43.41
N GLY A 429 17.07 14.63 43.12
CA GLY A 429 18.19 15.49 42.74
C GLY A 429 17.84 16.42 41.60
N GLU A 430 17.14 15.89 40.59
CA GLU A 430 16.74 16.71 39.43
C GLU A 430 15.86 17.88 39.83
N GLN A 431 14.91 17.64 40.73
CA GLN A 431 14.03 18.69 41.23
C GLN A 431 14.72 19.53 42.31
N ALA B 1 -23.75 -29.75 -12.13
CA ALA B 1 -23.65 -28.83 -13.25
C ALA B 1 -23.66 -27.38 -12.80
N HIS B 2 -22.94 -27.09 -11.71
CA HIS B 2 -22.93 -25.75 -11.13
C HIS B 2 -21.52 -25.27 -10.84
N MET B 3 -21.33 -23.97 -11.06
CA MET B 3 -20.17 -23.28 -10.52
C MET B 3 -20.08 -23.46 -9.01
N MET B 4 -21.23 -23.60 -8.34
CA MET B 4 -21.23 -23.76 -6.89
C MET B 4 -20.48 -25.02 -6.47
N GLU B 5 -20.71 -26.15 -7.14
CA GLU B 5 -20.02 -27.38 -6.74
C GLU B 5 -18.51 -27.25 -6.95
N LYS B 6 -18.08 -26.64 -8.05
CA LYS B 6 -16.64 -26.52 -8.29
C LYS B 6 -15.97 -25.59 -7.28
N LEU B 7 -16.65 -24.50 -6.91
CA LEU B 7 -16.16 -23.62 -5.85
C LEU B 7 -15.94 -24.36 -4.54
N LYS B 8 -16.84 -25.29 -4.19
CA LYS B 8 -16.66 -26.08 -2.97
C LYS B 8 -15.39 -26.93 -3.02
N GLU B 9 -14.97 -27.38 -4.20
CA GLU B 9 -13.72 -28.11 -4.26
C GLU B 9 -12.53 -27.17 -4.13
N ILE B 10 -12.61 -25.98 -4.76
CA ILE B 10 -11.58 -24.97 -4.65
C ILE B 10 -11.47 -24.45 -3.22
N GLU B 11 -12.61 -24.34 -2.53
CA GLU B 11 -12.64 -23.73 -1.20
C GLU B 11 -11.91 -24.58 -0.17
N LYS B 12 -11.78 -25.90 -0.41
CA LYS B 12 -10.92 -26.69 0.46
C LYS B 12 -9.50 -26.13 0.45
N VAL B 13 -9.01 -25.77 -0.75
CA VAL B 13 -7.65 -25.25 -0.83
C VAL B 13 -7.57 -23.83 -0.26
N THR B 14 -8.56 -22.97 -0.55
CA THR B 14 -8.47 -21.59 -0.06
C THR B 14 -8.60 -21.54 1.45
N LYS B 15 -9.43 -22.39 2.04
CA LYS B 15 -9.46 -22.49 3.50
C LYS B 15 -8.06 -22.74 4.06
N ALA B 16 -7.32 -23.67 3.45
CA ALA B 16 -5.97 -23.98 3.95
C ALA B 16 -5.00 -22.82 3.74
N ILE B 17 -5.12 -22.11 2.61
CA ILE B 17 -4.31 -20.92 2.40
C ILE B 17 -4.62 -19.88 3.49
N LYS B 18 -5.91 -19.68 3.77
CA LYS B 18 -6.30 -18.73 4.81
C LYS B 18 -5.71 -19.10 6.16
N GLU B 19 -5.97 -20.30 6.65
CA GLU B 19 -5.42 -20.72 7.93
C GLU B 19 -3.90 -20.55 7.92
N LYS B 20 -3.24 -20.89 6.80
CA LYS B 20 -1.79 -20.79 6.74
C LYS B 20 -1.31 -19.35 6.93
N ILE B 21 -2.00 -18.40 6.31
CA ILE B 21 -1.61 -16.99 6.46
C ILE B 21 -1.86 -16.51 7.89
N LEU B 22 -3.05 -16.78 8.44
CA LEU B 22 -3.38 -16.29 9.78
C LEU B 22 -2.38 -16.76 10.83
N ASN B 23 -1.96 -18.03 10.76
CA ASN B 23 -1.06 -18.60 11.77
C ASN B 23 0.41 -18.31 11.50
N HIS B 24 0.77 -17.50 10.51
CA HIS B 24 2.16 -17.16 10.29
C HIS B 24 2.46 -15.79 10.88
N TYR B 25 3.53 -15.71 11.66
CA TYR B 25 3.89 -14.45 12.29
C TYR B 25 5.26 -13.94 11.92
N GLY B 26 5.97 -14.62 11.04
CA GLY B 26 7.24 -14.14 10.54
C GLY B 26 7.09 -13.21 9.36
N TYR B 27 8.22 -13.00 8.67
CA TYR B 27 8.21 -12.16 7.48
C TYR B 27 7.44 -12.85 6.35
N ILE B 28 6.94 -12.05 5.42
CA ILE B 28 6.15 -12.53 4.29
C ILE B 28 6.66 -11.89 3.01
N ARG B 29 7.11 -12.71 2.07
CA ARG B 29 7.61 -12.25 0.78
C ARG B 29 6.57 -12.54 -0.29
N VAL B 30 6.11 -11.49 -0.96
CA VAL B 30 5.21 -11.59 -2.10
C VAL B 30 6.02 -11.34 -3.37
N ILE B 31 5.92 -12.27 -4.31
CA ILE B 31 6.59 -12.15 -5.60
C ILE B 31 5.54 -12.22 -6.68
N THR B 32 5.52 -11.21 -7.55
CA THR B 32 4.52 -11.07 -8.60
C THR B 32 5.17 -10.63 -9.90
N HIS B 33 4.41 -10.73 -10.99
CA HIS B 33 4.80 -10.31 -12.33
C HIS B 33 4.52 -8.83 -12.54
N HIS B 34 4.98 -8.29 -13.67
CA HIS B 34 4.94 -6.84 -13.89
C HIS B 34 3.79 -6.38 -14.78
N ASP B 35 3.07 -7.28 -15.43
CA ASP B 35 1.97 -6.85 -16.29
C ASP B 35 0.75 -6.47 -15.45
N THR B 36 -0.32 -6.08 -16.12
CA THR B 36 -1.54 -5.70 -15.41
C THR B 36 -2.00 -6.78 -14.44
N ASP B 37 -2.01 -8.05 -14.87
CA ASP B 37 -2.47 -9.14 -14.01
C ASP B 37 -1.62 -9.25 -12.74
N GLY B 38 -0.31 -9.09 -12.86
CA GLY B 38 0.57 -9.20 -11.69
C GLY B 38 0.44 -8.02 -10.74
N LEU B 39 0.38 -6.80 -11.28
CA LEU B 39 0.21 -5.63 -10.44
C LEU B 39 -1.15 -5.63 -9.75
N SER B 40 -2.19 -6.15 -10.42
CA SER B 40 -3.51 -6.33 -9.80
C SER B 40 -3.44 -7.30 -8.64
N SER B 41 -2.87 -8.50 -8.89
CA SER B 41 -2.67 -9.49 -7.84
C SER B 41 -1.86 -8.90 -6.69
N GLY B 42 -0.81 -8.15 -7.01
CA GLY B 42 -0.05 -7.44 -5.98
C GLY B 42 -0.94 -6.57 -5.11
N GLY B 43 -1.85 -5.81 -5.74
CA GLY B 43 -2.71 -4.95 -4.94
C GLY B 43 -3.73 -5.74 -4.14
N ILE B 44 -4.27 -6.82 -4.70
CA ILE B 44 -5.19 -7.67 -3.95
C ILE B 44 -4.48 -8.25 -2.74
N LEU B 45 -3.30 -8.85 -2.96
CA LEU B 45 -2.55 -9.44 -1.85
C LEU B 45 -2.20 -8.38 -0.82
N ALA B 46 -1.78 -7.20 -1.29
CA ALA B 46 -1.37 -6.15 -0.38
C ALA B 46 -2.52 -5.73 0.54
N LYS B 47 -3.68 -5.44 -0.03
CA LYS B 47 -4.82 -5.04 0.80
C LYS B 47 -5.19 -6.18 1.75
N MET B 48 -5.17 -7.41 1.25
CA MET B 48 -5.64 -8.53 2.04
C MET B 48 -4.68 -8.83 3.19
N LEU B 49 -3.37 -8.77 2.93
CA LEU B 49 -2.37 -8.99 3.98
C LEU B 49 -2.45 -7.90 5.04
N MET B 50 -2.69 -6.65 4.65
CA MET B 50 -2.83 -5.59 5.64
C MET B 50 -4.08 -5.76 6.49
N ARG B 51 -5.16 -6.23 5.90
CA ARG B 51 -6.39 -6.34 6.67
C ARG B 51 -6.30 -7.45 7.71
N THR B 52 -5.42 -8.43 7.51
CA THR B 52 -5.21 -9.53 8.44
C THR B 52 -3.95 -9.32 9.28
N ASN B 53 -3.50 -8.07 9.39
CA ASN B 53 -2.40 -7.67 10.28
C ASN B 53 -1.10 -8.38 9.90
N LYS B 54 -0.75 -8.32 8.62
CA LYS B 54 0.47 -8.93 8.09
C LYS B 54 1.23 -7.88 7.31
N LEU B 55 2.40 -7.48 7.82
CA LEU B 55 3.34 -6.71 7.04
C LEU B 55 4.08 -7.65 6.10
N PHE B 56 4.51 -7.12 4.96
CA PHE B 56 5.04 -7.97 3.90
C PHE B 56 6.02 -7.16 3.05
N HIS B 57 6.85 -7.88 2.31
CA HIS B 57 7.81 -7.30 1.39
C HIS B 57 7.47 -7.76 -0.02
N LEU B 58 7.13 -6.83 -0.90
CA LEU B 58 6.68 -7.15 -2.25
C LEU B 58 7.80 -6.88 -3.24
N THR B 59 8.14 -7.90 -4.01
CA THR B 59 9.12 -7.81 -5.09
C THR B 59 8.49 -8.22 -6.42
N VAL B 60 8.93 -7.57 -7.50
CA VAL B 60 8.38 -7.79 -8.83
C VAL B 60 9.49 -8.36 -9.71
N VAL B 61 9.21 -9.48 -10.38
CA VAL B 61 10.18 -10.09 -11.27
C VAL B 61 9.53 -10.27 -12.65
N GLU B 62 10.33 -10.09 -13.70
CA GLU B 62 9.82 -10.34 -15.04
C GLU B 62 9.80 -11.83 -15.33
N HIS B 63 10.86 -12.54 -15.01
CA HIS B 63 10.94 -13.99 -15.18
C HIS B 63 11.48 -14.62 -13.91
N LEU B 64 10.87 -15.75 -13.52
CA LEU B 64 11.30 -16.51 -12.35
C LEU B 64 12.30 -17.57 -12.79
N SER B 65 13.55 -17.12 -12.98
CA SER B 65 14.62 -17.99 -13.44
C SER B 65 15.14 -18.85 -12.31
N LYS B 66 16.03 -19.80 -12.66
CA LYS B 66 16.78 -20.49 -11.62
C LYS B 66 17.58 -19.52 -10.78
N GLU B 67 18.15 -18.49 -11.42
CA GLU B 67 18.98 -17.52 -10.70
C GLU B 67 18.16 -16.74 -9.69
N VAL B 68 16.98 -16.26 -10.09
CA VAL B 68 16.13 -15.53 -9.16
C VAL B 68 15.72 -16.40 -7.99
N ILE B 69 15.40 -17.68 -8.25
CA ILE B 69 14.97 -18.56 -7.17
C ILE B 69 16.12 -18.82 -6.20
N GLU B 70 17.33 -19.00 -6.71
CA GLU B 70 18.46 -19.18 -5.81
C GLU B 70 18.77 -17.91 -5.03
N LYS B 71 18.71 -16.75 -5.69
CA LYS B 71 18.85 -15.50 -4.97
C LYS B 71 17.81 -15.38 -3.87
N LEU B 72 16.59 -15.83 -4.14
CA LEU B 72 15.56 -15.81 -3.10
C LEU B 72 15.88 -16.79 -1.99
N ALA B 73 16.43 -17.95 -2.34
CA ALA B 73 16.71 -18.97 -1.34
C ALA B 73 17.66 -18.46 -0.26
N LYS B 74 18.56 -17.54 -0.61
CA LYS B 74 19.51 -17.02 0.36
C LYS B 74 18.85 -16.17 1.45
N GLU B 75 17.56 -15.87 1.33
CA GLU B 75 16.81 -15.22 2.41
C GLU B 75 16.22 -16.23 3.39
N ASN B 76 16.03 -17.48 2.99
CA ASN B 76 15.50 -18.50 3.90
C ASN B 76 16.44 -18.77 5.06
N GLU B 77 17.75 -18.60 4.84
CA GLU B 77 18.74 -18.93 5.86
C GLU B 77 18.48 -18.16 7.15
N VAL B 78 18.37 -16.84 7.03
CA VAL B 78 18.09 -15.96 8.16
C VAL B 78 16.60 -15.64 8.09
N ASN B 79 15.84 -16.08 9.10
CA ASN B 79 14.39 -15.83 9.16
C ASN B 79 13.69 -16.45 7.96
N LYS B 80 13.17 -17.67 8.09
CA LYS B 80 12.58 -18.35 6.94
C LYS B 80 11.17 -17.81 6.67
N PRO B 81 11.01 -16.98 5.65
CA PRO B 81 9.73 -16.32 5.43
C PRO B 81 8.72 -17.21 4.70
N LEU B 82 7.46 -16.83 4.86
CA LEU B 82 6.40 -17.34 4.00
C LEU B 82 6.45 -16.59 2.67
N PHE B 83 6.50 -17.35 1.58
CA PHE B 83 6.55 -16.82 0.22
C PHE B 83 5.20 -17.02 -0.46
N ILE B 84 4.62 -15.94 -0.98
CA ILE B 84 3.43 -16.01 -1.81
C ILE B 84 3.83 -15.65 -3.24
N PHE B 85 3.70 -16.60 -4.16
CA PHE B 85 4.01 -16.35 -5.57
C PHE B 85 2.70 -16.15 -6.30
N ALA B 86 2.60 -15.05 -7.04
CA ALA B 86 1.39 -14.74 -7.80
C ALA B 86 1.72 -14.71 -9.28
N ALA B 87 0.92 -15.39 -10.10
CA ALA B 87 1.09 -15.46 -11.55
C ALA B 87 2.36 -16.18 -11.96
N MET B 88 2.93 -16.98 -11.07
CA MET B 88 4.18 -17.68 -11.28
C MET B 88 4.34 -18.65 -10.13
N GLY B 89 5.26 -19.60 -10.30
CA GLY B 89 5.48 -20.61 -9.29
C GLY B 89 5.18 -22.02 -9.74
N SER B 90 4.08 -22.22 -10.48
CA SER B 90 3.68 -23.57 -10.84
C SER B 90 4.67 -24.23 -11.80
N GLY B 91 5.17 -23.48 -12.78
CA GLY B 91 6.12 -24.05 -13.71
C GLY B 91 7.51 -24.22 -13.14
N GLN B 92 7.82 -23.49 -12.06
CA GLN B 92 9.12 -23.56 -11.41
C GLN B 92 9.03 -24.30 -10.09
N ILE B 93 8.01 -25.14 -9.91
CA ILE B 93 7.74 -25.75 -8.60
C ILE B 93 8.88 -26.68 -8.19
N GLU B 94 9.54 -27.32 -9.16
CA GLU B 94 10.64 -28.22 -8.84
C GLU B 94 11.72 -27.49 -8.04
N GLU B 95 12.13 -26.31 -8.52
CA GLU B 95 13.18 -25.53 -7.87
C GLU B 95 12.71 -24.94 -6.55
N ILE B 96 11.41 -24.79 -6.38
CA ILE B 96 10.85 -24.29 -5.11
C ILE B 96 10.81 -25.40 -4.07
N ILE B 97 10.50 -26.63 -4.50
CA ILE B 97 10.54 -27.77 -3.60
C ILE B 97 11.98 -28.07 -3.21
N LYS B 98 12.89 -28.03 -4.19
CA LYS B 98 14.30 -28.29 -3.93
C LYS B 98 14.82 -27.45 -2.76
N HIS B 99 14.57 -26.13 -2.78
CA HIS B 99 15.09 -25.26 -1.74
C HIS B 99 14.22 -25.24 -0.49
N ASN B 100 13.10 -25.96 -0.48
CA ASN B 100 12.30 -26.17 0.73
C ASN B 100 11.68 -24.86 1.22
N PHE B 101 11.21 -24.03 0.29
CA PHE B 101 10.50 -22.81 0.63
C PHE B 101 9.27 -23.12 1.46
N ASN B 102 8.97 -22.27 2.43
CA ASN B 102 7.60 -22.20 2.93
C ASN B 102 6.78 -21.30 1.99
N ALA B 103 5.84 -21.89 1.23
CA ALA B 103 5.37 -21.19 0.05
C ALA B 103 3.90 -21.46 -0.26
N ILE B 104 3.25 -20.42 -0.79
CA ILE B 104 1.93 -20.48 -1.38
C ILE B 104 2.12 -20.06 -2.83
N ILE B 105 1.67 -20.90 -3.76
CA ILE B 105 1.74 -20.58 -5.18
C ILE B 105 0.32 -20.33 -5.68
N LEU B 106 0.10 -19.15 -6.27
CA LEU B 106 -1.18 -18.72 -6.83
C LEU B 106 -0.95 -18.50 -8.32
N ASP B 107 -1.18 -19.53 -9.13
CA ASP B 107 -0.76 -19.46 -10.53
C ASP B 107 -1.85 -20.03 -11.43
N HIS B 108 -2.12 -19.35 -12.54
CA HIS B 108 -3.04 -19.88 -13.52
C HIS B 108 -2.35 -20.52 -14.71
N HIS B 109 -1.02 -20.44 -14.81
CA HIS B 109 -0.28 -21.13 -15.85
C HIS B 109 -0.39 -22.64 -15.66
N PRO B 110 -0.26 -23.42 -16.74
CA PRO B 110 -0.37 -24.88 -16.64
C PRO B 110 0.64 -25.45 -15.66
N PRO B 111 0.22 -26.35 -14.77
CA PRO B 111 1.10 -26.84 -13.71
C PRO B 111 1.99 -28.00 -14.11
N VAL B 112 3.12 -28.09 -13.40
CA VAL B 112 4.07 -29.19 -13.55
C VAL B 112 3.68 -30.37 -12.67
N ILE B 113 3.38 -30.11 -11.41
CA ILE B 113 2.81 -31.10 -10.49
C ILE B 113 1.36 -30.73 -10.23
N LYS B 114 0.43 -31.58 -10.64
CA LYS B 114 -0.98 -31.26 -10.49
C LYS B 114 -1.50 -31.69 -9.11
N ASP B 115 -0.90 -31.13 -8.06
CA ASP B 115 -1.36 -31.31 -6.69
C ASP B 115 -1.58 -29.97 -6.02
N SER B 116 -2.62 -29.88 -5.22
CA SER B 116 -2.82 -28.67 -4.42
C SER B 116 -1.90 -28.67 -3.20
N PHE B 117 -1.72 -29.83 -2.58
CA PHE B 117 -0.92 -29.96 -1.37
C PHE B 117 0.34 -30.71 -1.72
N ILE B 118 1.45 -29.98 -1.84
CA ILE B 118 2.69 -30.56 -2.36
C ILE B 118 3.46 -31.30 -1.28
N ASN B 119 3.68 -30.68 -0.12
CA ASN B 119 4.21 -31.44 1.01
C ASN B 119 3.59 -30.89 2.28
N GLU B 120 4.38 -30.65 3.32
CA GLU B 120 3.82 -30.04 4.51
C GLU B 120 3.89 -28.51 4.48
N ASN B 121 4.55 -27.94 3.46
CA ASN B 121 5.01 -26.56 3.48
C ASN B 121 4.57 -25.74 2.28
N ILE B 122 4.11 -26.36 1.20
CA ILE B 122 3.79 -25.69 -0.04
C ILE B 122 2.34 -26.00 -0.39
N ILE B 123 1.54 -24.96 -0.58
CA ILE B 123 0.19 -25.07 -1.11
C ILE B 123 0.13 -24.43 -2.49
N GLN B 124 -0.47 -25.12 -3.44
CA GLN B 124 -0.60 -24.64 -4.82
C GLN B 124 -2.08 -24.50 -5.15
N LEU B 125 -2.51 -23.26 -5.44
CA LEU B 125 -3.86 -23.00 -5.95
C LEU B 125 -3.76 -22.72 -7.45
N ASN B 126 -4.08 -23.74 -8.24
CA ASN B 126 -4.02 -23.65 -9.69
C ASN B 126 -5.32 -24.16 -10.27
N PRO B 127 -6.03 -23.37 -11.07
CA PRO B 127 -7.32 -23.81 -11.63
C PRO B 127 -7.24 -25.02 -12.54
N HIS B 128 -6.07 -25.31 -13.12
CA HIS B 128 -5.97 -26.50 -13.97
C HIS B 128 -6.16 -27.77 -13.14
N ILE B 129 -5.80 -27.73 -11.85
CA ILE B 129 -6.01 -28.89 -10.99
C ILE B 129 -7.49 -29.18 -10.77
N PHE B 130 -8.35 -28.19 -10.95
CA PHE B 130 -9.79 -28.35 -10.83
C PHE B 130 -10.49 -28.40 -12.17
N GLY B 131 -9.73 -28.50 -13.26
CA GLY B 131 -10.33 -28.56 -14.56
C GLY B 131 -10.80 -27.24 -15.11
N VAL B 132 -10.13 -26.14 -14.77
CA VAL B 132 -10.47 -24.80 -15.25
C VAL B 132 -9.31 -24.27 -16.09
N ASP B 133 -9.61 -23.83 -17.30
CA ASP B 133 -8.58 -23.42 -18.24
C ASP B 133 -8.06 -22.04 -17.83
N GLY B 134 -6.80 -21.98 -17.41
CA GLY B 134 -6.23 -20.71 -16.98
C GLY B 134 -5.94 -19.72 -18.10
N SER B 135 -6.17 -20.09 -19.35
CA SER B 135 -5.96 -19.15 -20.44
C SER B 135 -7.26 -18.51 -20.89
N ARG B 136 -8.40 -18.98 -20.40
CA ARG B 136 -9.70 -18.49 -20.85
C ARG B 136 -10.70 -18.23 -19.73
N GLU B 137 -10.55 -18.85 -18.56
CA GLU B 137 -11.60 -18.86 -17.56
C GLU B 137 -11.22 -18.19 -16.24
N ILE B 138 -9.94 -17.94 -16.01
CA ILE B 138 -9.50 -17.23 -14.80
C ILE B 138 -8.12 -16.65 -15.04
N THR B 139 -7.81 -15.57 -14.35
CA THR B 139 -6.48 -14.98 -14.40
C THR B 139 -5.84 -15.07 -13.03
N ALA B 140 -4.59 -14.63 -12.97
CA ALA B 140 -3.85 -14.66 -11.72
C ALA B 140 -4.51 -13.80 -10.64
N SER B 141 -5.05 -12.65 -11.02
CA SER B 141 -5.73 -11.83 -10.03
C SER B 141 -7.04 -12.46 -9.61
N GLY B 142 -7.66 -13.22 -10.51
CA GLY B 142 -8.79 -14.04 -10.12
C GLY B 142 -8.42 -15.04 -9.05
N VAL B 143 -7.25 -15.68 -9.19
CA VAL B 143 -6.85 -16.67 -8.20
C VAL B 143 -6.63 -16.02 -6.83
N CYS B 144 -5.98 -14.87 -6.79
CA CYS B 144 -5.82 -14.21 -5.49
C CYS B 144 -7.17 -13.81 -4.92
N TYR B 145 -8.07 -13.34 -5.79
CA TYR B 145 -9.40 -12.94 -5.32
C TYR B 145 -10.10 -14.12 -4.65
N LEU B 146 -9.90 -15.34 -5.18
CA LEU B 146 -10.54 -16.52 -4.60
C LEU B 146 -10.10 -16.73 -3.17
N VAL B 147 -8.81 -16.47 -2.90
CA VAL B 147 -8.30 -16.45 -1.55
C VAL B 147 -8.92 -15.32 -0.75
N ALA B 148 -8.89 -14.10 -1.31
CA ALA B 148 -9.37 -12.93 -0.59
C ALA B 148 -10.82 -13.07 -0.17
N ARG B 149 -11.63 -13.80 -0.93
CA ARG B 149 -13.03 -13.85 -0.53
C ARG B 149 -13.24 -14.77 0.66
N GLU B 150 -12.27 -15.65 0.94
CA GLU B 150 -12.28 -16.43 2.17
C GLU B 150 -12.28 -15.52 3.40
N PHE B 151 -11.68 -14.35 3.30
CA PHE B 151 -11.81 -13.38 4.37
C PHE B 151 -13.00 -12.46 4.22
N GLY B 152 -13.84 -12.66 3.19
CA GLY B 152 -14.97 -11.77 2.98
C GLY B 152 -14.63 -10.40 2.41
N TYR B 153 -13.48 -10.26 1.75
CA TYR B 153 -13.07 -9.01 1.14
C TYR B 153 -13.59 -8.92 -0.31
N TYR B 154 -14.92 -8.84 -0.44
CA TYR B 154 -15.53 -8.79 -1.77
C TYR B 154 -15.16 -7.52 -2.53
N ASP B 155 -14.92 -6.42 -1.82
CA ASP B 155 -14.54 -5.18 -2.49
C ASP B 155 -13.27 -5.32 -3.34
N LEU B 156 -12.52 -6.40 -3.19
CA LEU B 156 -11.30 -6.59 -3.98
C LEU B 156 -11.56 -7.22 -5.33
N SER B 157 -12.78 -7.66 -5.58
CA SER B 157 -13.11 -8.22 -6.89
C SER B 157 -12.84 -7.20 -8.00
N VAL B 158 -12.96 -5.90 -7.71
CA VAL B 158 -12.67 -4.90 -8.73
C VAL B 158 -11.24 -5.05 -9.24
N LEU B 159 -10.30 -5.44 -8.38
CA LEU B 159 -8.96 -5.65 -8.93
C LEU B 159 -8.90 -6.92 -9.78
N ALA B 160 -9.75 -7.90 -9.49
CA ALA B 160 -9.80 -9.08 -10.33
C ALA B 160 -10.33 -8.73 -11.71
N ILE B 161 -11.33 -7.86 -11.77
CA ILE B 161 -11.87 -7.47 -13.06
C ILE B 161 -10.81 -6.77 -13.89
N VAL B 162 -9.98 -5.95 -13.25
CA VAL B 162 -8.88 -5.29 -13.94
C VAL B 162 -7.97 -6.33 -14.57
N GLY B 163 -7.59 -7.36 -13.79
CA GLY B 163 -6.73 -8.39 -14.33
C GLY B 163 -7.38 -9.19 -15.43
N ILE B 164 -8.70 -9.39 -15.35
CA ILE B 164 -9.41 -10.09 -16.42
C ILE B 164 -9.26 -9.35 -17.74
N ILE B 165 -9.42 -8.02 -17.72
CA ILE B 165 -9.17 -7.22 -18.90
C ILE B 165 -7.70 -7.28 -19.30
N GLY B 166 -6.80 -7.05 -18.33
CA GLY B 166 -5.37 -7.05 -18.62
C GLY B 166 -4.92 -8.29 -19.38
N ASP B 167 -5.46 -9.45 -19.02
CA ASP B 167 -5.07 -10.70 -19.66
C ASP B 167 -5.93 -11.05 -20.87
N MET B 168 -6.82 -10.14 -21.29
CA MET B 168 -7.61 -10.37 -22.49
C MET B 168 -8.51 -11.59 -22.33
N GLN B 169 -9.19 -11.71 -21.19
CA GLN B 169 -10.13 -12.79 -20.95
C GLN B 169 -11.54 -12.28 -20.73
N TYR B 170 -11.85 -11.10 -21.28
CA TYR B 170 -13.16 -10.48 -21.07
C TYR B 170 -14.15 -10.70 -22.20
N ASN B 171 -13.75 -11.29 -23.32
CA ASN B 171 -14.66 -11.43 -24.46
C ASN B 171 -14.31 -12.69 -25.26
N PRO B 172 -15.01 -13.81 -25.01
CA PRO B 172 -16.14 -13.98 -24.09
C PRO B 172 -15.69 -14.09 -22.63
N LEU B 173 -16.59 -13.73 -21.73
CA LEU B 173 -16.40 -13.86 -20.29
C LEU B 173 -16.85 -15.26 -19.86
N LEU B 174 -15.90 -16.10 -19.42
CA LEU B 174 -16.12 -17.52 -19.19
C LEU B 174 -15.85 -17.94 -17.75
N GLY B 175 -16.38 -19.11 -17.42
CA GLY B 175 -16.15 -19.80 -16.16
C GLY B 175 -16.05 -18.94 -14.94
N LEU B 176 -14.93 -19.03 -14.25
CA LEU B 176 -14.78 -18.34 -12.98
C LEU B 176 -14.79 -16.83 -13.15
N ASN B 177 -14.22 -16.32 -14.25
CA ASN B 177 -14.26 -14.89 -14.48
C ASN B 177 -15.71 -14.38 -14.49
N LYS B 178 -16.61 -15.14 -15.11
CA LYS B 178 -18.02 -14.80 -15.07
C LYS B 178 -18.53 -14.82 -13.64
N PHE B 179 -18.12 -15.82 -12.87
CA PHE B 179 -18.57 -15.88 -11.49
C PHE B 179 -18.10 -14.65 -10.72
N ILE B 180 -16.83 -14.28 -10.90
CA ILE B 180 -16.27 -13.13 -10.20
C ILE B 180 -17.01 -11.85 -10.57
N VAL B 181 -17.19 -11.62 -11.87
CA VAL B 181 -17.87 -10.41 -12.31
C VAL B 181 -19.28 -10.34 -11.74
N ASN B 182 -20.02 -11.45 -11.81
CA ASN B 182 -21.39 -11.44 -11.28
C ASN B 182 -21.40 -11.21 -9.77
N GLU B 183 -20.46 -11.81 -9.04
CA GLU B 183 -20.41 -11.53 -7.61
C GLU B 183 -20.16 -10.04 -7.37
N ALA B 184 -19.24 -9.45 -8.14
CA ALA B 184 -18.97 -8.03 -7.96
C ALA B 184 -20.20 -7.19 -8.26
N ARG B 185 -21.01 -7.62 -9.24
CA ARG B 185 -22.27 -6.92 -9.51
C ARG B 185 -23.24 -7.08 -8.35
N GLU B 186 -23.44 -8.32 -7.88
CA GLU B 186 -24.34 -8.57 -6.75
C GLU B 186 -23.99 -7.69 -5.56
N TYR B 187 -22.70 -7.57 -5.23
CA TYR B 187 -22.28 -6.74 -4.11
C TYR B 187 -22.13 -5.27 -4.47
N ARG B 188 -22.53 -4.88 -5.69
CA ARG B 188 -22.57 -3.47 -6.12
C ARG B 188 -21.18 -2.84 -6.22
N TYR B 189 -20.16 -3.61 -6.61
CA TYR B 189 -18.82 -3.07 -6.80
C TYR B 189 -18.50 -2.81 -8.26
N VAL B 190 -19.34 -3.27 -9.17
CA VAL B 190 -19.19 -3.01 -10.58
C VAL B 190 -20.58 -2.83 -11.17
N LYS B 191 -20.66 -1.96 -12.17
CA LYS B 191 -21.83 -1.82 -13.02
C LYS B 191 -21.38 -2.09 -14.45
N ILE B 192 -22.18 -2.84 -15.19
CA ILE B 192 -21.84 -3.29 -16.54
C ILE B 192 -22.76 -2.57 -17.51
N MET B 193 -22.19 -2.08 -18.61
CA MET B 193 -22.93 -1.17 -19.47
C MET B 193 -22.30 -1.21 -20.85
N ASN B 194 -23.05 -1.68 -21.84
CA ASN B 194 -22.55 -1.72 -23.21
C ASN B 194 -22.33 -0.30 -23.72
N ASP B 195 -21.22 -0.09 -24.42
CA ASP B 195 -20.79 1.27 -24.74
C ASP B 195 -19.70 1.20 -25.79
N ILE B 196 -19.32 2.37 -26.29
CA ILE B 196 -18.27 2.46 -27.29
C ILE B 196 -16.93 2.57 -26.57
N VAL B 197 -15.93 1.90 -27.14
CA VAL B 197 -14.61 1.87 -26.49
C VAL B 197 -14.06 3.27 -26.26
N TYR B 198 -14.39 4.24 -27.13
CA TYR B 198 -13.78 5.57 -26.99
C TYR B 198 -14.23 6.28 -25.72
N ASN B 199 -15.40 5.96 -25.18
CA ASN B 199 -15.85 6.57 -23.95
C ASN B 199 -15.12 6.10 -22.69
N ILE B 200 -14.20 5.14 -22.78
CA ILE B 200 -13.56 4.75 -21.52
C ILE B 200 -12.50 5.73 -21.09
N TYR B 201 -12.03 6.60 -21.97
CA TYR B 201 -10.80 7.34 -21.68
C TYR B 201 -11.02 8.63 -20.90
N ASP B 202 -12.26 9.11 -20.82
CA ASP B 202 -12.60 10.38 -20.19
C ASP B 202 -11.70 11.54 -20.61
N VAL B 203 -11.31 11.58 -21.89
CA VAL B 203 -10.62 12.74 -22.46
C VAL B 203 -11.41 13.21 -23.68
N GLU B 204 -10.88 14.21 -24.37
CA GLU B 204 -11.53 14.67 -25.60
C GLU B 204 -11.56 13.55 -26.63
N ILE B 205 -12.74 13.32 -27.22
CA ILE B 205 -12.92 12.16 -28.08
C ILE B 205 -11.89 12.14 -29.21
N TYR B 206 -11.52 13.30 -29.74
CA TYR B 206 -10.58 13.23 -30.85
C TYR B 206 -9.23 12.72 -30.37
N LYS B 207 -8.88 12.96 -29.11
CA LYS B 207 -7.68 12.32 -28.58
C LYS B 207 -7.89 10.84 -28.27
N ALA B 208 -9.09 10.47 -27.79
CA ALA B 208 -9.35 9.06 -27.53
C ALA B 208 -9.30 8.25 -28.83
N ILE B 209 -9.84 8.81 -29.92
CA ILE B 209 -9.76 8.09 -31.18
C ILE B 209 -8.33 8.09 -31.70
N ALA B 210 -7.65 9.24 -31.63
CA ALA B 210 -6.31 9.35 -32.23
C ALA B 210 -5.36 8.28 -31.70
N TYR B 211 -5.41 7.98 -30.40
CA TYR B 211 -4.40 7.12 -29.79
C TYR B 211 -4.95 5.76 -29.41
N CYS B 212 -6.14 5.41 -29.87
CA CYS B 212 -6.69 4.09 -29.60
C CYS B 212 -5.92 3.00 -30.34
N THR B 213 -5.64 1.90 -29.66
CA THR B 213 -5.04 0.75 -30.31
C THR B 213 -5.88 -0.49 -30.19
N LYS B 214 -7.13 -0.38 -29.75
CA LYS B 214 -8.05 -1.52 -29.71
C LYS B 214 -9.43 -0.99 -30.04
N PRO B 215 -9.73 -0.85 -31.33
CA PRO B 215 -8.86 -1.18 -32.48
C PRO B 215 -7.97 -0.02 -32.91
N TYR B 216 -6.85 -0.31 -33.57
CA TYR B 216 -6.03 0.70 -34.23
C TYR B 216 -6.61 0.99 -35.61
N ILE B 217 -6.93 2.25 -35.87
CA ILE B 217 -7.48 2.67 -37.16
C ILE B 217 -6.50 3.66 -37.80
N PRO B 218 -5.64 3.19 -38.69
CA PRO B 218 -4.56 4.06 -39.22
C PRO B 218 -5.04 5.41 -39.75
N ASP B 219 -6.13 5.44 -40.53
CA ASP B 219 -6.58 6.69 -41.12
C ASP B 219 -7.09 7.70 -40.11
N LEU B 220 -7.29 7.31 -38.85
CA LEU B 220 -7.75 8.21 -37.80
C LEU B 220 -6.71 8.43 -36.71
N ALA B 221 -5.50 7.90 -36.87
CA ALA B 221 -4.51 7.85 -35.81
C ALA B 221 -3.68 9.13 -35.69
N SER B 222 -4.35 10.27 -35.59
CA SER B 222 -3.66 11.51 -35.29
C SER B 222 -4.72 12.52 -34.87
N GLU B 223 -4.32 13.41 -33.96
CA GLU B 223 -5.25 14.39 -33.46
C GLU B 223 -5.95 15.10 -34.60
N GLY B 224 -5.19 15.49 -35.62
CA GLY B 224 -5.77 16.26 -36.72
C GLY B 224 -6.77 15.46 -37.53
N LYS B 225 -6.39 14.25 -37.95
CA LYS B 225 -7.31 13.43 -38.72
C LYS B 225 -8.55 13.06 -37.91
N ALA B 226 -8.40 12.88 -36.59
CA ALA B 226 -9.54 12.54 -35.73
C ALA B 226 -10.46 13.73 -35.56
N PHE B 227 -9.89 14.88 -35.24
CA PHE B 227 -10.69 16.10 -35.17
C PHE B 227 -11.49 16.29 -36.46
N LYS B 228 -10.83 16.21 -37.60
CA LYS B 228 -11.49 16.44 -38.88
C LYS B 228 -12.68 15.49 -39.05
N PHE B 229 -12.47 14.22 -38.74
CA PHE B 229 -13.51 13.22 -38.94
C PHE B 229 -14.70 13.52 -38.04
N LEU B 230 -14.45 13.98 -36.81
CA LEU B 230 -15.54 14.27 -35.89
C LEU B 230 -16.28 15.54 -36.29
N LYS B 231 -15.55 16.58 -36.70
CA LYS B 231 -16.23 17.78 -37.17
C LYS B 231 -17.14 17.45 -38.36
N ASP B 232 -16.63 16.67 -39.32
CA ASP B 232 -17.37 16.39 -40.55
C ASP B 232 -18.71 15.72 -40.28
N ILE B 233 -18.76 14.80 -39.31
CA ILE B 233 -20.00 14.08 -39.04
C ILE B 233 -20.81 14.72 -37.91
N GLY B 234 -20.50 15.96 -37.55
CA GLY B 234 -21.36 16.73 -36.67
C GLY B 234 -21.25 16.43 -35.20
N ILE B 235 -20.06 16.06 -34.73
CA ILE B 235 -19.82 15.78 -33.32
C ILE B 235 -18.82 16.78 -32.77
N ASP B 236 -19.06 17.28 -31.58
CA ASP B 236 -18.10 18.17 -30.96
C ASP B 236 -16.86 17.37 -30.56
N PRO B 237 -15.72 17.53 -31.22
CA PRO B 237 -14.56 16.71 -30.87
C PRO B 237 -14.04 16.95 -29.48
N ASN B 238 -14.43 18.05 -28.81
CA ASN B 238 -13.94 18.31 -27.46
C ASN B 238 -14.74 17.60 -26.37
N LYS B 239 -15.94 17.12 -26.66
CA LYS B 239 -16.67 16.32 -25.69
C LYS B 239 -15.84 15.14 -25.21
N LYS B 240 -16.09 14.73 -23.97
CA LYS B 240 -15.36 13.62 -23.38
C LYS B 240 -16.17 12.34 -23.32
N GLN B 241 -17.44 12.39 -23.73
CA GLN B 241 -18.32 11.24 -23.78
C GLN B 241 -19.25 11.39 -24.97
N LEU B 242 -19.38 10.35 -25.77
CA LEU B 242 -20.34 10.30 -26.86
C LEU B 242 -21.69 9.84 -26.35
N ASP B 243 -22.75 10.60 -26.60
CA ASP B 243 -24.10 10.12 -26.27
C ASP B 243 -24.58 9.14 -27.34
N ASP B 244 -25.85 8.69 -27.23
CA ASP B 244 -26.35 7.66 -28.14
C ASP B 244 -26.45 8.15 -29.56
N THR B 245 -26.76 9.43 -29.77
CA THR B 245 -26.83 9.93 -31.14
C THR B 245 -25.44 10.05 -31.73
N ASP B 246 -24.48 10.54 -30.96
CA ASP B 246 -23.10 10.61 -31.41
C ASP B 246 -22.61 9.25 -31.88
N LYS B 247 -22.89 8.20 -31.09
CA LYS B 247 -22.30 6.89 -31.37
C LYS B 247 -22.87 6.30 -32.65
N LYS B 248 -24.19 6.47 -32.87
CA LYS B 248 -24.79 6.09 -34.16
C LYS B 248 -24.13 6.81 -35.32
N LYS B 249 -24.00 8.14 -35.23
CA LYS B 249 -23.37 8.88 -36.31
C LYS B 249 -21.93 8.42 -36.51
N LEU B 250 -21.19 8.28 -35.41
CA LEU B 250 -19.80 7.82 -35.54
C LEU B 250 -19.74 6.46 -36.23
N LEU B 251 -20.48 5.48 -35.69
CA LEU B 251 -20.39 4.11 -36.22
C LEU B 251 -20.83 4.08 -37.65
N SER B 252 -21.86 4.87 -37.99
CA SER B 252 -22.33 4.93 -39.37
C SER B 252 -21.22 5.39 -40.31
N ALA B 253 -20.47 6.40 -39.92
CA ALA B 253 -19.41 6.90 -40.81
C ALA B 253 -18.20 5.98 -40.78
N ILE B 254 -17.85 5.47 -39.59
CA ILE B 254 -16.54 4.83 -39.44
C ILE B 254 -16.49 3.47 -40.12
N ILE B 255 -17.64 2.82 -40.32
CA ILE B 255 -17.65 1.49 -40.91
C ILE B 255 -16.97 1.46 -42.28
N PHE B 256 -16.84 2.62 -42.94
CA PHE B 256 -16.16 2.67 -44.23
C PHE B 256 -14.63 2.64 -44.06
N LYS B 257 -14.10 3.29 -43.02
CA LYS B 257 -12.67 3.24 -42.73
C LYS B 257 -12.26 1.95 -42.01
N TYR B 258 -13.19 1.35 -41.26
CA TYR B 258 -12.88 0.21 -40.41
C TYR B 258 -14.16 -0.63 -40.33
N PRO B 259 -14.28 -1.67 -41.15
CA PRO B 259 -15.60 -2.32 -41.32
C PRO B 259 -16.03 -3.23 -40.20
N LYS B 260 -15.11 -3.80 -39.40
CA LYS B 260 -15.46 -4.73 -38.34
C LYS B 260 -15.86 -3.99 -37.06
N ILE B 261 -16.96 -3.23 -37.17
CA ILE B 261 -17.32 -2.29 -36.11
C ILE B 261 -17.91 -2.94 -34.86
N GLU B 262 -18.08 -4.26 -34.82
CA GLU B 262 -18.38 -4.90 -33.55
C GLU B 262 -17.23 -4.75 -32.55
N ASN B 263 -16.00 -4.57 -33.03
CA ASN B 263 -14.88 -4.35 -32.14
C ASN B 263 -14.96 -3.00 -31.43
N LEU B 264 -15.75 -2.05 -31.93
CA LEU B 264 -15.82 -0.76 -31.26
C LEU B 264 -16.71 -0.79 -30.04
N LEU B 265 -17.58 -1.80 -29.92
CA LEU B 265 -18.52 -1.94 -28.82
C LEU B 265 -17.98 -2.90 -27.76
N ILE B 266 -18.16 -2.53 -26.50
CA ILE B 266 -17.70 -3.34 -25.38
C ILE B 266 -18.73 -3.29 -24.28
N ASP B 267 -18.61 -4.22 -23.35
CA ASP B 267 -19.27 -4.06 -22.06
C ASP B 267 -18.32 -3.28 -21.16
N ARG B 268 -18.67 -2.03 -20.83
CA ARG B 268 -17.86 -1.30 -19.88
C ARG B 268 -18.08 -1.82 -18.47
N TYR B 269 -17.01 -1.90 -17.68
CA TYR B 269 -17.08 -2.15 -16.24
C TYR B 269 -16.73 -0.87 -15.48
N LEU B 270 -17.71 -0.33 -14.75
CA LEU B 270 -17.50 0.82 -13.89
C LEU B 270 -17.30 0.33 -12.44
N ILE B 271 -16.12 0.55 -11.88
CA ILE B 271 -15.75 -0.13 -10.64
C ILE B 271 -15.66 0.86 -9.49
N GLU B 272 -15.84 0.33 -8.28
CA GLU B 272 -15.64 1.06 -7.03
C GLU B 272 -14.15 1.29 -6.80
N HIS B 273 -13.64 2.34 -7.42
CA HIS B 273 -12.21 2.65 -7.41
C HIS B 273 -12.06 4.06 -7.93
N LYS B 274 -11.08 4.80 -7.41
CA LYS B 274 -10.86 6.17 -7.89
C LYS B 274 -10.76 6.23 -9.41
N VAL B 275 -10.14 5.24 -10.03
CA VAL B 275 -10.14 5.08 -11.49
C VAL B 275 -11.35 4.22 -11.83
N ARG B 276 -12.45 4.87 -12.16
CA ARG B 276 -13.73 4.19 -12.15
C ARG B 276 -13.96 3.30 -13.36
N ASP B 277 -13.26 3.52 -14.46
CA ASP B 277 -13.30 2.61 -15.60
C ASP B 277 -12.21 1.56 -15.48
N ALA B 278 -12.62 0.30 -15.42
CA ALA B 278 -11.66 -0.79 -15.30
C ALA B 278 -10.80 -0.93 -16.55
N PHE B 279 -11.34 -0.59 -17.72
CA PHE B 279 -10.52 -0.65 -18.92
C PHE B 279 -9.43 0.41 -18.87
N LEU B 280 -9.74 1.59 -18.35
CA LEU B 280 -8.71 2.62 -18.26
C LEU B 280 -7.67 2.24 -17.23
N LEU B 281 -8.09 1.72 -16.08
CA LEU B 281 -7.13 1.29 -15.06
C LEU B 281 -6.26 0.16 -15.57
N SER B 282 -6.85 -0.77 -16.33
CA SER B 282 -6.05 -1.84 -16.94
C SER B 282 -4.96 -1.29 -17.85
N GLU B 283 -5.30 -0.33 -18.73
CA GLU B 283 -4.29 0.27 -19.60
C GLU B 283 -3.26 1.08 -18.80
N MET B 284 -3.70 1.79 -17.76
CA MET B 284 -2.77 2.51 -16.89
C MET B 284 -1.75 1.56 -16.24
N LEU B 285 -2.22 0.48 -15.60
CA LEU B 285 -1.26 -0.42 -14.96
C LEU B 285 -0.31 -1.02 -16.00
N ASN B 286 -0.80 -1.29 -17.21
CA ASN B 286 0.08 -1.77 -18.27
C ASN B 286 1.19 -0.79 -18.60
N ALA B 287 0.83 0.47 -18.89
CA ALA B 287 1.84 1.48 -19.19
C ALA B 287 2.84 1.63 -18.06
N VAL B 288 2.33 1.74 -16.83
CA VAL B 288 3.19 1.91 -15.67
C VAL B 288 4.13 0.71 -15.55
N GLY B 289 3.58 -0.49 -15.73
CA GLY B 289 4.42 -1.68 -15.68
C GLY B 289 5.48 -1.70 -16.77
N ARG B 290 5.12 -1.26 -17.99
CA ARG B 290 6.14 -1.27 -19.02
C ARG B 290 7.22 -0.23 -18.77
N ASN B 291 6.95 0.82 -18.00
CA ASN B 291 7.99 1.79 -17.74
C ASN B 291 8.80 1.50 -16.49
N GLY B 292 8.66 0.32 -15.89
CA GLY B 292 9.42 0.00 -14.71
C GLY B 292 8.86 0.55 -13.43
N LEU B 293 7.66 1.12 -13.44
CA LEU B 293 7.16 1.81 -12.27
C LEU B 293 6.27 0.90 -11.42
N PHE B 294 6.88 -0.17 -10.93
CA PHE B 294 6.12 -1.19 -10.22
C PHE B 294 5.50 -0.63 -8.94
N ALA B 295 6.31 -0.01 -8.08
CA ALA B 295 5.78 0.52 -6.85
C ALA B 295 4.66 1.53 -7.10
N VAL B 296 4.80 2.35 -8.17
CA VAL B 296 3.74 3.29 -8.49
C VAL B 296 2.47 2.54 -8.87
N GLY B 297 2.64 1.41 -9.58
CA GLY B 297 1.51 0.56 -9.91
C GLY B 297 0.79 0.02 -8.68
N ILE B 298 1.55 -0.39 -7.65
CA ILE B 298 0.89 -0.83 -6.42
C ILE B 298 0.14 0.33 -5.78
N GLY B 299 0.76 1.51 -5.73
CA GLY B 299 0.08 2.69 -5.20
C GLY B 299 -1.22 2.97 -5.93
N ILE B 300 -1.23 2.79 -7.24
CA ILE B 300 -2.45 2.97 -8.01
C ILE B 300 -3.52 2.00 -7.52
N CYS B 301 -3.18 0.71 -7.42
CA CYS B 301 -4.14 -0.27 -6.92
C CYS B 301 -4.65 0.14 -5.55
N LEU B 302 -3.76 0.68 -4.71
CA LEU B 302 -4.10 1.15 -3.37
C LEU B 302 -4.78 2.51 -3.37
N GLU B 303 -5.07 3.07 -4.54
CA GLU B 303 -5.89 4.29 -4.67
C GLU B 303 -5.19 5.54 -4.11
N ASP B 304 -3.86 5.63 -4.19
CA ASP B 304 -3.14 6.86 -3.82
C ASP B 304 -3.22 7.91 -4.92
N ASP B 305 -3.48 9.17 -4.52
CA ASP B 305 -3.79 10.20 -5.51
C ASP B 305 -2.62 10.54 -6.41
N GLU B 306 -1.40 10.52 -5.88
CA GLU B 306 -0.25 10.96 -6.64
C GLU B 306 0.25 9.86 -7.59
N CYS B 307 0.16 8.59 -7.18
CA CYS B 307 0.42 7.50 -8.11
C CYS B 307 -0.57 7.51 -9.26
N ILE B 308 -1.84 7.81 -8.96
CA ILE B 308 -2.84 7.89 -10.03
C ILE B 308 -2.48 9.02 -10.97
N LYS B 309 -1.97 10.12 -10.44
CA LYS B 309 -1.58 11.24 -11.28
C LYS B 309 -0.39 10.86 -12.15
N ILE B 310 0.63 10.22 -11.56
CA ILE B 310 1.72 9.68 -12.36
C ILE B 310 1.19 8.73 -13.43
N GLY B 311 0.39 7.73 -13.02
CA GLY B 311 -0.09 6.74 -13.97
C GLY B 311 -0.82 7.35 -15.14
N ASN B 312 -1.66 8.36 -14.89
CA ASN B 312 -2.32 9.04 -15.98
C ASN B 312 -1.32 9.75 -16.90
N GLN B 313 -0.28 10.36 -16.33
CA GLN B 313 0.71 10.98 -17.19
C GLN B 313 1.48 9.94 -18.00
N ILE B 314 1.86 8.81 -17.37
CA ILE B 314 2.66 7.79 -18.06
C ILE B 314 1.82 7.08 -19.12
N LEU B 315 0.54 6.86 -18.83
CA LEU B 315 -0.32 6.22 -19.81
C LEU B 315 -0.35 7.00 -21.12
N TRP B 316 -0.58 8.31 -21.05
CA TRP B 316 -0.69 9.07 -22.30
C TRP B 316 0.66 9.24 -22.98
N GLU B 317 1.75 9.30 -22.23
CA GLU B 317 3.06 9.26 -22.90
C GLU B 317 3.24 7.95 -23.62
N TYR B 318 2.83 6.85 -22.97
CA TYR B 318 2.97 5.53 -23.54
C TYR B 318 2.10 5.36 -24.77
N LYS B 319 0.87 5.86 -24.70
CA LYS B 319 -0.03 5.69 -25.84
C LYS B 319 0.44 6.54 -27.02
N LYS B 320 0.96 7.74 -26.77
CA LYS B 320 1.48 8.52 -27.89
C LYS B 320 2.68 7.83 -28.53
N ASN B 321 3.57 7.31 -27.71
CA ASN B 321 4.76 6.68 -28.27
C ASN B 321 4.40 5.42 -29.06
N LEU B 322 3.38 4.70 -28.62
CA LEU B 322 2.99 3.48 -29.30
C LEU B 322 2.43 3.79 -30.68
N ILE B 323 1.64 4.85 -30.81
CA ILE B 323 1.13 5.25 -32.11
C ILE B 323 2.29 5.58 -33.04
N ASN B 324 3.31 6.28 -32.54
CA ASN B 324 4.46 6.63 -33.37
C ASN B 324 5.21 5.37 -33.80
N GLU B 325 5.47 4.47 -32.86
CA GLU B 325 6.05 3.17 -33.19
C GLU B 325 5.25 2.47 -34.29
N LEU B 326 3.91 2.53 -34.19
CA LEU B 326 3.05 1.88 -35.17
C LEU B 326 3.13 2.54 -36.54
N LYS B 327 3.16 3.87 -36.59
CA LYS B 327 3.28 4.55 -37.89
C LYS B 327 4.58 4.25 -38.59
N SER B 328 5.61 3.80 -37.87
CA SER B 328 6.93 3.58 -38.44
C SER B 328 7.16 2.14 -38.88
N VAL B 329 6.16 1.28 -38.74
CA VAL B 329 6.33 -0.11 -39.14
C VAL B 329 6.33 -0.21 -40.66
N LYS B 330 7.35 -0.89 -41.21
CA LYS B 330 7.40 -1.20 -42.64
C LYS B 330 6.69 -2.55 -42.82
N LEU B 331 5.41 -2.50 -43.15
CA LEU B 331 4.62 -3.73 -43.25
C LEU B 331 4.72 -4.30 -44.66
N LYS B 332 5.27 -5.52 -44.75
CA LYS B 332 5.43 -6.22 -46.03
C LYS B 332 4.37 -7.30 -46.14
N LYS B 333 3.72 -7.38 -47.30
CA LYS B 333 2.68 -8.36 -47.57
C LYS B 333 3.26 -9.54 -48.35
N LEU B 334 3.01 -10.76 -47.87
CA LEU B 334 3.19 -11.97 -48.66
C LEU B 334 1.82 -12.39 -49.17
N ASN B 335 1.59 -13.69 -49.35
CA ASN B 335 0.30 -14.11 -49.91
C ASN B 335 -0.79 -14.21 -48.86
N ASN B 336 -0.50 -14.78 -47.68
CA ASN B 336 -1.51 -14.96 -46.64
C ASN B 336 -1.13 -14.40 -45.27
N ILE B 337 0.01 -13.72 -45.14
CA ILE B 337 0.43 -13.10 -43.90
C ILE B 337 1.00 -11.73 -44.23
N TYR B 338 1.05 -10.88 -43.21
CA TYR B 338 1.88 -9.69 -43.24
C TYR B 338 3.10 -9.96 -42.37
N TYR B 339 4.19 -9.24 -42.63
CA TYR B 339 5.30 -9.32 -41.70
C TYR B 339 6.07 -8.01 -41.67
N PHE B 340 6.87 -7.86 -40.60
CA PHE B 340 7.67 -6.66 -40.39
C PHE B 340 8.81 -6.99 -39.45
N GLU B 341 9.85 -6.17 -39.49
CA GLU B 341 10.94 -6.20 -38.52
C GLU B 341 10.76 -5.07 -37.50
N GLY B 342 10.83 -5.40 -36.21
CA GLY B 342 10.68 -4.44 -35.12
C GLY B 342 11.63 -4.61 -33.95
N LYS B 343 11.43 -3.85 -32.87
CA LYS B 343 12.31 -3.97 -31.72
C LYS B 343 11.90 -5.13 -30.81
N LYS B 344 12.87 -5.57 -29.99
CA LYS B 344 12.76 -6.85 -29.28
C LYS B 344 11.49 -6.95 -28.44
N GLY B 345 11.22 -5.93 -27.63
CA GLY B 345 10.06 -6.05 -26.77
C GLY B 345 8.73 -5.59 -27.34
N MET B 346 8.71 -5.14 -28.59
CA MET B 346 7.53 -4.56 -29.19
C MET B 346 6.84 -5.44 -30.22
N ILE B 347 7.55 -6.39 -30.84
CA ILE B 347 7.00 -7.07 -32.01
C ILE B 347 5.72 -7.81 -31.65
N GLY B 348 5.66 -8.40 -30.45
CA GLY B 348 4.44 -9.09 -30.03
C GLY B 348 3.25 -8.14 -29.87
N ILE B 349 3.47 -7.03 -29.16
CA ILE B 349 2.40 -6.04 -28.95
C ILE B 349 1.97 -5.47 -30.30
N ILE B 350 2.94 -5.11 -31.12
CA ILE B 350 2.64 -4.47 -32.40
C ILE B 350 1.95 -5.43 -33.35
N ALA B 351 2.42 -6.67 -33.43
CA ALA B 351 1.79 -7.64 -34.31
C ALA B 351 0.31 -7.82 -33.97
N SER B 352 0.00 -7.95 -32.66
CA SER B 352 -1.38 -8.11 -32.22
C SER B 352 -2.24 -6.91 -32.62
N ILE B 353 -1.70 -5.70 -32.47
CA ILE B 353 -2.43 -4.48 -32.83
C ILE B 353 -2.64 -4.41 -34.33
N LEU B 354 -1.68 -4.88 -35.14
CA LEU B 354 -1.79 -4.74 -36.58
C LEU B 354 -2.68 -5.79 -37.24
N VAL B 355 -3.10 -6.86 -36.54
CA VAL B 355 -3.93 -7.86 -37.19
C VAL B 355 -5.28 -7.26 -37.58
N ASP B 356 -5.75 -7.61 -38.78
CA ASP B 356 -7.09 -7.26 -39.22
C ASP B 356 -7.73 -8.41 -39.97
N ASP B 357 -7.37 -8.58 -41.25
CA ASP B 357 -7.82 -9.72 -42.04
C ASP B 357 -6.87 -10.90 -41.99
N LYS B 358 -5.56 -10.66 -42.00
CA LYS B 358 -4.56 -11.72 -42.10
C LYS B 358 -3.71 -11.77 -40.83
N PRO B 359 -3.05 -12.90 -40.56
CA PRO B 359 -2.12 -12.95 -39.44
C PRO B 359 -0.93 -12.04 -39.72
N VAL B 360 -0.27 -11.59 -38.65
CA VAL B 360 0.89 -10.72 -38.73
C VAL B 360 2.01 -11.36 -37.95
N ILE B 361 3.21 -11.37 -38.54
CA ILE B 361 4.40 -11.87 -37.87
C ILE B 361 5.39 -10.71 -37.81
N GLY B 362 5.84 -10.37 -36.61
CA GLY B 362 6.94 -9.45 -36.43
C GLY B 362 8.17 -10.23 -36.00
N TYR B 363 9.35 -9.72 -36.36
CA TYR B 363 10.57 -10.35 -35.91
C TYR B 363 11.64 -9.30 -35.64
N HIS B 364 12.55 -9.63 -34.72
CA HIS B 364 13.78 -8.87 -34.52
C HIS B 364 14.97 -9.81 -34.60
N ILE B 365 16.09 -9.26 -35.07
CA ILE B 365 17.35 -9.99 -35.18
C ILE B 365 18.23 -9.62 -34.00
N GLU B 366 18.79 -10.62 -33.33
CA GLU B 366 19.75 -10.41 -32.24
C GLU B 366 20.89 -11.40 -32.41
N GLY B 367 22.09 -10.89 -32.72
CA GLY B 367 23.18 -11.77 -33.06
C GLY B 367 22.94 -12.38 -34.41
N ASP B 368 22.92 -13.72 -34.47
CA ASP B 368 22.63 -14.42 -35.71
C ASP B 368 21.27 -15.13 -35.65
N ILE B 369 20.46 -14.82 -34.64
CA ILE B 369 19.13 -15.39 -34.45
C ILE B 369 18.07 -14.35 -34.81
N ALA B 370 17.01 -14.80 -35.49
CA ALA B 370 15.79 -14.01 -35.64
C ALA B 370 14.69 -14.67 -34.81
N LYS B 371 14.08 -13.89 -33.92
CA LYS B 371 12.95 -14.36 -33.11
C LYS B 371 11.65 -13.75 -33.64
N PHE B 372 10.66 -14.62 -33.89
CA PHE B 372 9.40 -14.24 -34.49
C PHE B 372 8.26 -14.31 -33.47
N SER B 373 7.29 -13.42 -33.64
CA SER B 373 6.08 -13.44 -32.82
C SER B 373 4.88 -13.24 -33.75
N ALA B 374 3.99 -14.22 -33.77
CA ALA B 374 2.93 -14.30 -34.74
C ALA B 374 1.57 -14.17 -34.05
N ARG B 375 0.62 -13.51 -34.71
CA ARG B 375 -0.67 -13.19 -34.10
C ARG B 375 -1.78 -13.33 -35.11
N GLY B 376 -2.95 -13.78 -34.65
CA GLY B 376 -4.17 -13.82 -35.43
C GLY B 376 -5.34 -13.25 -34.65
N ASN B 377 -6.53 -13.72 -34.98
CA ASN B 377 -7.71 -13.35 -34.20
C ASN B 377 -8.73 -14.49 -34.26
N ARG B 378 -9.81 -14.36 -33.47
CA ARG B 378 -10.81 -15.42 -33.37
C ARG B 378 -11.47 -15.69 -34.71
N ASP B 379 -11.67 -14.65 -35.53
CA ASP B 379 -12.26 -14.85 -36.84
C ASP B 379 -11.34 -15.68 -37.73
N LEU B 380 -10.02 -15.54 -37.56
CA LEU B 380 -9.08 -16.33 -38.37
C LEU B 380 -9.03 -17.78 -37.92
N VAL B 381 -8.95 -18.00 -36.61
CA VAL B 381 -8.94 -19.35 -36.06
C VAL B 381 -10.17 -20.13 -36.53
N ASN B 382 -11.34 -19.47 -36.55
CA ASN B 382 -12.57 -20.12 -36.97
C ASN B 382 -12.57 -20.49 -38.45
N ARG B 383 -11.71 -19.84 -39.23
CA ARG B 383 -11.46 -20.24 -40.62
C ARG B 383 -10.34 -21.26 -40.73
N GLY B 384 -9.96 -21.89 -39.62
CA GLY B 384 -8.96 -22.93 -39.63
C GLY B 384 -7.53 -22.50 -39.39
N LEU B 385 -7.30 -21.34 -38.78
CA LEU B 385 -5.94 -20.89 -38.50
C LEU B 385 -5.43 -21.61 -37.27
N ASN B 386 -4.15 -21.99 -37.30
CA ASN B 386 -3.50 -22.56 -36.11
C ASN B 386 -2.02 -22.19 -36.18
N LEU B 387 -1.61 -21.21 -35.36
CA LEU B 387 -0.25 -20.69 -35.45
C LEU B 387 0.78 -21.64 -34.86
N SER B 388 0.44 -22.38 -33.80
CA SER B 388 1.39 -23.31 -33.18
C SER B 388 1.95 -24.29 -34.20
N VAL B 389 1.12 -24.83 -35.09
CA VAL B 389 1.67 -25.79 -36.05
C VAL B 389 2.44 -25.08 -37.16
N ALA B 390 2.04 -23.85 -37.52
CA ALA B 390 2.76 -23.12 -38.56
C ALA B 390 4.07 -22.55 -38.04
N MET B 391 4.12 -22.12 -36.78
CA MET B 391 5.41 -21.71 -36.23
C MET B 391 6.31 -22.91 -35.96
N ALA B 392 5.74 -24.12 -35.86
CA ALA B 392 6.58 -25.28 -35.63
C ALA B 392 7.44 -25.63 -36.82
N VAL B 393 7.12 -25.12 -38.02
CA VAL B 393 7.89 -25.42 -39.22
C VAL B 393 9.33 -24.88 -39.10
N ALA B 394 9.62 -24.17 -38.00
CA ALA B 394 10.96 -23.64 -37.80
C ALA B 394 12.00 -24.74 -37.64
N LYS B 395 11.59 -25.93 -37.18
CA LYS B 395 12.53 -27.05 -37.01
C LYS B 395 13.15 -27.48 -38.34
N GLU B 396 12.40 -27.32 -39.44
CA GLU B 396 12.96 -27.58 -40.75
C GLU B 396 14.12 -26.63 -41.08
N PHE B 397 14.15 -25.44 -40.47
CA PHE B 397 15.24 -24.49 -40.69
C PHE B 397 16.24 -24.48 -39.54
N GLY B 398 16.40 -25.62 -38.86
CA GLY B 398 17.30 -25.67 -37.73
C GLY B 398 16.89 -24.79 -36.57
N GLY B 399 15.60 -24.53 -36.41
CA GLY B 399 15.06 -23.83 -35.27
C GLY B 399 13.95 -24.63 -34.60
N ASN B 400 13.01 -23.92 -34.00
CA ASN B 400 11.81 -24.50 -33.38
C ASN B 400 10.81 -23.39 -33.10
N GLY B 401 9.53 -23.75 -33.04
CA GLY B 401 8.48 -22.78 -32.79
C GLY B 401 7.20 -23.45 -32.35
N GLY B 402 6.40 -22.71 -31.57
CA GLY B 402 5.09 -23.19 -31.18
C GLY B 402 4.30 -22.10 -30.48
N GLY B 403 3.19 -22.49 -29.89
CA GLY B 403 2.38 -21.58 -29.09
C GLY B 403 0.91 -21.98 -29.13
N HIS B 404 0.05 -20.97 -29.17
CA HIS B 404 -1.39 -21.15 -29.29
C HIS B 404 -1.83 -21.00 -30.74
N ASP B 405 -3.08 -21.38 -30.99
CA ASP B 405 -3.64 -21.18 -32.34
C ASP B 405 -3.58 -19.72 -32.75
N VAL B 406 -3.83 -18.81 -31.80
CA VAL B 406 -3.96 -17.39 -32.11
C VAL B 406 -2.68 -16.60 -31.78
N ALA B 407 -1.70 -17.20 -31.11
CA ALA B 407 -0.45 -16.51 -30.80
C ALA B 407 0.68 -17.52 -30.58
N SER B 408 1.80 -17.32 -31.27
CA SER B 408 2.92 -18.25 -31.25
C SER B 408 4.23 -17.51 -31.55
N GLY B 409 5.35 -18.11 -31.14
CA GLY B 409 6.67 -17.61 -31.49
C GLY B 409 7.49 -18.68 -32.22
N ALA B 410 8.73 -18.31 -32.56
CA ALA B 410 9.69 -19.19 -33.24
C ALA B 410 11.05 -18.51 -33.33
N VAL B 411 12.10 -19.34 -33.55
CA VAL B 411 13.49 -18.88 -33.68
C VAL B 411 14.17 -19.58 -34.86
N VAL B 412 15.07 -18.85 -35.51
CA VAL B 412 15.67 -19.28 -36.78
C VAL B 412 16.95 -18.46 -36.98
N SER B 413 17.94 -19.06 -37.66
CA SER B 413 19.16 -18.34 -37.96
C SER B 413 18.89 -17.20 -38.93
N LYS B 414 19.55 -16.07 -38.67
CA LYS B 414 19.27 -14.79 -39.33
C LYS B 414 19.15 -14.91 -40.86
N ASP B 415 19.84 -15.86 -41.48
CA ASP B 415 19.90 -15.94 -42.93
C ASP B 415 18.81 -16.79 -43.57
N LYS B 416 18.01 -17.50 -42.79
CA LYS B 416 16.90 -18.29 -43.32
C LYS B 416 15.54 -17.60 -43.12
N VAL B 417 15.56 -16.29 -42.84
CA VAL B 417 14.34 -15.58 -42.50
C VAL B 417 13.37 -15.57 -43.69
N GLN B 418 13.86 -15.21 -44.87
CA GLN B 418 13.00 -15.14 -46.04
C GLN B 418 12.37 -16.50 -46.35
N GLU B 419 13.14 -17.58 -46.20
CA GLU B 419 12.67 -18.91 -46.54
C GLU B 419 11.73 -19.46 -45.47
N PHE B 420 11.94 -19.09 -44.21
CA PHE B 420 11.01 -19.46 -43.16
C PHE B 420 9.65 -18.81 -43.40
N LEU B 421 9.65 -17.51 -43.67
CA LEU B 421 8.40 -16.76 -43.85
C LEU B 421 7.63 -17.27 -45.06
N LYS B 422 8.34 -17.62 -46.15
CA LYS B 422 7.65 -18.17 -47.32
C LYS B 422 7.04 -19.53 -47.00
N ARG B 423 7.71 -20.33 -46.19
CA ARG B 423 7.15 -21.60 -45.78
C ARG B 423 5.95 -21.41 -44.85
N VAL B 424 6.06 -20.53 -43.86
CA VAL B 424 4.92 -20.20 -43.00
C VAL B 424 3.74 -19.69 -43.82
N ASP B 425 4.00 -18.81 -44.77
CA ASP B 425 2.94 -18.27 -45.62
C ASP B 425 2.14 -19.39 -46.29
N GLU B 426 2.83 -20.40 -46.83
CA GLU B 426 2.15 -21.48 -47.55
C GLU B 426 1.37 -22.39 -46.59
N ILE B 427 1.91 -22.66 -45.40
CA ILE B 427 1.16 -23.45 -44.42
C ILE B 427 -0.14 -22.77 -44.04
N ILE B 428 -0.10 -21.46 -43.83
CA ILE B 428 -1.29 -20.73 -43.39
C ILE B 428 -2.34 -20.70 -44.51
N GLY B 429 -1.91 -20.48 -45.76
CA GLY B 429 -2.85 -20.57 -46.87
C GLY B 429 -3.46 -21.95 -47.04
N GLU B 430 -2.74 -23.00 -46.58
CA GLU B 430 -3.31 -24.34 -46.52
C GLU B 430 -4.41 -24.40 -45.47
N GLN B 431 -4.11 -23.95 -44.25
CA GLN B 431 -5.03 -23.96 -43.12
C GLN B 431 -6.29 -23.14 -43.38
N LEU B 432 -6.32 -22.35 -44.44
CA LEU B 432 -7.49 -21.54 -44.74
C LEU B 432 -8.31 -22.11 -45.88
N ARG B 433 -7.73 -22.96 -46.73
CA ARG B 433 -8.44 -23.62 -47.81
C ARG B 433 -8.25 -25.14 -47.78
#